data_4YHC
#
_entry.id   4YHC
#
_cell.length_a   38.009
_cell.length_b   109.714
_cell.length_c   103.454
_cell.angle_alpha   90.00
_cell.angle_beta   100.46
_cell.angle_gamma   90.00
#
_symmetry.space_group_name_H-M   'P 1 21 1'
#
loop_
_entity.id
_entity.type
_entity.pdbx_description
1 polymer 'Sterol regulatory element-binding protein cleavage-activating protein'
2 non-polymer 'CITRIC ACID'
3 water water
#
_entity_poly.entity_id   1
_entity_poly.type   'polypeptide(L)'
_entity_poly.pdbx_seq_one_letter_code
;MGWSDHDELSTDTTLHEEKFRIEPVPVHHQLDILKIAVSENYKTFASVGLDRSLVVWDLRQWCTKLVLSKEQMPRTLKAI
ALDPQGNYVSLFSKDTLFILNVESPSLMLQHSYHSKPNSKLNVFWMPGTHKDDEWKNFELVVVESSGEIQVFSLTIEIEG
ADIALVEKFQLSSPIIKSISIVSPTANRIASLTESGEVTVYSKKGPVWSPKILSQNKNYLTETKKDIYGIAMADILFLAR
DSGVDMIDLKNDELLHSFTLPPIKVNTFSVGVSNSRFVNGQFRVSSISFCFTHAVTEKVLYYYYGNESNESYIILNKWDQ
QPNLVDVHDPDNSLASLTFDELQENIHEVEDASESVMSSDGLYIFGMRRKSSSGISPTADEKNEDNGFTLRNRKLRAGSN
THSGGETQVWEVWMYSQSEKKHRSKSLKMYNSLIIADPGPSLAVSDRCVAIVLGNYVALVGYGSEIFR
;
_entity_poly.pdbx_strand_id   A,B
#
loop_
_chem_comp.id
_chem_comp.type
_chem_comp.name
_chem_comp.formula
CIT non-polymer 'CITRIC ACID' 'C6 H8 O7'
#
# COMPACT_ATOMS: atom_id res chain seq x y z
N GLY A 2 34.14 5.30 10.02
CA GLY A 2 33.07 4.50 9.40
C GLY A 2 33.08 3.04 9.77
N TRP A 3 31.96 2.40 9.46
CA TRP A 3 31.67 1.10 9.96
C TRP A 3 32.17 0.02 9.03
N SER A 4 32.78 0.41 7.90
CA SER A 4 33.26 -0.55 6.88
C SER A 4 34.39 0.09 6.10
N ASP A 5 35.08 -0.68 5.25
CA ASP A 5 35.93 -0.03 4.21
C ASP A 5 35.07 0.67 3.19
N HIS A 6 34.06 -0.05 2.70
CA HIS A 6 33.00 0.61 1.88
C HIS A 6 31.72 -0.16 1.94
N ASP A 7 30.65 0.54 1.63
CA ASP A 7 29.32 -0.03 1.48
C ASP A 7 28.94 -0.06 0.02
N GLU A 8 28.24 -1.10 -0.39
CA GLU A 8 27.68 -1.18 -1.72
C GLU A 8 26.17 -1.31 -1.72
N LEU A 9 25.48 -0.53 -2.57
CA LEU A 9 24.01 -0.57 -2.77
C LEU A 9 23.71 -0.51 -4.26
N SER A 10 22.53 -0.96 -4.66
CA SER A 10 22.05 -0.72 -5.99
C SER A 10 21.74 0.75 -6.19
N THR A 11 22.07 1.27 -7.37
CA THR A 11 21.62 2.59 -7.76
C THR A 11 20.11 2.70 -7.81
N ASP A 12 19.54 3.80 -7.29
CA ASP A 12 18.08 3.99 -7.29
C ASP A 12 17.57 4.11 -8.75
N THR A 13 16.41 3.54 -9.02
CA THR A 13 15.80 3.64 -10.33
C THR A 13 14.48 4.40 -10.35
N THR A 14 14.01 4.88 -9.19
CA THR A 14 12.76 5.69 -9.09
C THR A 14 12.99 6.74 -8.04
N LEU A 15 12.29 7.86 -8.18
CA LEU A 15 12.29 8.90 -7.15
C LEU A 15 11.88 8.32 -5.82
N HIS A 16 10.91 7.42 -5.81
CA HIS A 16 10.50 6.76 -4.55
C HIS A 16 11.64 6.06 -3.84
N GLU A 17 12.46 5.34 -4.61
CA GLU A 17 13.63 4.66 -4.02
C GLU A 17 14.64 5.61 -3.54
N GLU A 18 14.81 6.69 -4.29
CA GLU A 18 15.77 7.66 -3.92
C GLU A 18 15.51 8.28 -2.53
N LYS A 19 14.26 8.53 -2.21
CA LYS A 19 13.85 9.09 -0.92
C LYS A 19 14.02 8.15 0.27
N PHE A 20 14.14 6.86 0.01
CA PHE A 20 14.45 5.88 1.07
C PHE A 20 15.95 5.85 1.37
N ARG A 21 16.32 6.28 2.56
CA ARG A 21 17.75 6.58 2.82
C ARG A 21 18.25 5.89 4.07
N ILE A 22 19.51 5.51 4.03
CA ILE A 22 20.22 5.10 5.26
C ILE A 22 21.55 5.75 5.27
N GLU A 23 21.94 6.32 6.41
CA GLU A 23 23.28 6.83 6.55
C GLU A 23 23.78 6.61 7.99
N PRO A 24 25.10 6.37 8.18
CA PRO A 24 25.74 6.26 9.46
C PRO A 24 25.84 7.61 10.10
N VAL A 25 25.67 7.72 11.39
CA VAL A 25 25.93 8.99 12.08
C VAL A 25 27.44 9.04 12.17
N PRO A 26 28.06 10.18 11.87
CA PRO A 26 29.51 10.24 11.71
C PRO A 26 30.34 10.02 12.96
N VAL A 27 29.75 10.00 14.15
CA VAL A 27 30.47 9.76 15.40
C VAL A 27 30.12 8.39 15.96
N HIS A 28 31.04 7.77 16.71
CA HIS A 28 30.74 6.51 17.36
C HIS A 28 31.47 6.28 18.68
N HIS A 29 31.12 5.21 19.35
CA HIS A 29 31.62 4.88 20.68
C HIS A 29 32.68 3.77 20.49
N GLN A 30 33.46 3.54 21.53
CA GLN A 30 34.50 2.49 21.46
C GLN A 30 33.96 1.16 21.85
N LEU A 31 32.91 1.13 22.68
CA LEU A 31 32.17 -0.10 22.96
C LEU A 31 30.69 -0.04 22.44
N ASP A 32 29.96 -1.14 22.51
CA ASP A 32 28.60 -1.17 21.99
C ASP A 32 27.72 -0.14 22.68
N ILE A 33 26.78 0.41 21.91
CA ILE A 33 25.82 1.31 22.48
C ILE A 33 24.78 0.53 23.29
N LEU A 34 24.55 1.01 24.49
CA LEU A 34 23.55 0.47 25.40
C LEU A 34 22.21 1.18 25.28
N LYS A 35 22.24 2.51 25.17
CA LYS A 35 21.01 3.27 25.34
C LYS A 35 21.03 4.49 24.44
N ILE A 36 19.88 4.80 23.82
CA ILE A 36 19.76 6.01 23.03
C ILE A 36 18.51 6.81 23.45
N ALA A 37 18.53 8.12 23.21
CA ALA A 37 17.42 8.96 23.58
C ALA A 37 17.34 10.17 22.66
N VAL A 38 16.16 10.78 22.60
CA VAL A 38 15.98 11.95 21.79
C VAL A 38 15.10 12.93 22.50
N SER A 39 15.33 14.22 22.28
CA SER A 39 14.52 15.19 22.96
C SER A 39 13.12 15.20 22.39
N GLU A 40 12.23 15.69 23.23
CA GLU A 40 10.81 15.77 22.86
C GLU A 40 10.53 16.56 21.62
N ASN A 41 11.35 17.56 21.32
CA ASN A 41 11.20 18.38 20.11
C ASN A 41 11.97 17.77 18.98
N TYR A 42 12.54 16.58 19.16
CA TYR A 42 13.32 15.88 18.13
C TYR A 42 14.55 16.64 17.65
N LYS A 43 15.07 17.56 18.46
CA LYS A 43 16.25 18.27 18.03
C LYS A 43 17.55 17.56 18.38
N THR A 44 17.57 16.91 19.54
CA THR A 44 18.83 16.47 20.13
C THR A 44 18.76 15.00 20.44
N PHE A 45 19.80 14.29 20.03
CA PHE A 45 19.93 12.84 20.18
C PHE A 45 21.09 12.58 21.11
N ALA A 46 20.96 11.56 21.97
CA ALA A 46 22.06 11.10 22.81
C ALA A 46 22.23 9.59 22.76
N SER A 47 23.50 9.13 22.82
CA SER A 47 23.79 7.73 22.90
C SER A 47 24.78 7.49 24.06
N VAL A 48 24.58 6.36 24.73
CA VAL A 48 25.38 5.95 25.88
C VAL A 48 25.95 4.57 25.67
N GLY A 49 27.26 4.45 25.78
CA GLY A 49 27.97 3.17 25.51
C GLY A 49 27.89 2.32 26.73
N LEU A 50 28.20 1.04 26.56
CA LEU A 50 28.43 0.13 27.65
C LEU A 50 29.47 0.58 28.65
N ASP A 51 30.46 1.34 28.20
CA ASP A 51 31.49 1.97 29.05
C ASP A 51 31.14 3.36 29.68
N ARG A 52 29.84 3.72 29.65
CA ARG A 52 29.32 5.03 30.10
C ARG A 52 29.63 6.24 29.18
N SER A 53 30.29 6.02 28.03
CA SER A 53 30.64 7.13 27.15
C SER A 53 29.35 7.80 26.63
N LEU A 54 29.42 9.08 26.40
CA LEU A 54 28.27 9.83 25.97
C LEU A 54 28.57 10.65 24.74
N VAL A 55 27.65 10.60 23.80
CA VAL A 55 27.69 11.47 22.65
C VAL A 55 26.32 12.16 22.53
N VAL A 56 26.34 13.48 22.50
CA VAL A 56 25.16 14.19 22.20
C VAL A 56 25.29 14.93 20.84
N TRP A 57 24.24 14.74 20.04
CA TRP A 57 24.31 14.97 18.58
C TRP A 57 23.12 15.81 18.20
N ASP A 58 23.36 16.89 17.43
CA ASP A 58 22.30 17.72 16.88
C ASP A 58 21.82 17.12 15.54
N LEU A 59 20.62 16.66 15.52
CA LEU A 59 20.12 15.85 14.40
C LEU A 59 20.02 16.68 13.09
N ARG A 60 19.46 17.89 13.20
CA ARG A 60 19.23 18.67 12.00
C ARG A 60 20.49 19.35 11.52
N GLN A 61 21.43 19.67 12.43
CA GLN A 61 22.68 20.28 12.03
C GLN A 61 23.76 19.30 11.74
N TRP A 62 23.52 18.01 11.96
CA TRP A 62 24.61 17.03 11.79
C TRP A 62 25.92 17.38 12.46
N CYS A 63 25.83 17.73 13.76
CA CYS A 63 27.07 17.86 14.51
C CYS A 63 26.97 17.51 15.96
N THR A 64 28.15 17.26 16.49
CA THR A 64 28.34 16.89 17.84
C THR A 64 28.19 18.10 18.73
N LYS A 65 27.47 17.92 19.83
CA LYS A 65 27.32 18.95 20.81
C LYS A 65 28.21 18.65 22.02
N LEU A 66 28.34 17.39 22.40
CA LEU A 66 29.10 17.05 23.60
C LEU A 66 29.51 15.63 23.40
N VAL A 67 30.76 15.33 23.68
CA VAL A 67 31.25 14.02 23.60
C VAL A 67 32.00 13.81 24.89
N LEU A 68 31.63 12.77 25.63
CA LEU A 68 32.42 12.39 26.83
C LEU A 68 32.81 10.96 26.75
N SER A 69 34.13 10.71 26.82
CA SER A 69 34.64 9.35 26.91
C SER A 69 34.36 8.74 28.26
N LYS A 70 34.54 7.43 28.34
CA LYS A 70 34.45 6.72 29.62
C LYS A 70 35.24 7.38 30.78
N GLU A 71 36.43 7.89 30.46
CA GLU A 71 37.32 8.51 31.44
C GLU A 71 36.94 9.96 31.71
N GLN A 72 35.87 10.43 31.08
CA GLN A 72 35.37 11.76 31.37
C GLN A 72 33.97 11.70 32.02
N MET A 73 33.62 10.52 32.54
CA MET A 73 32.27 10.23 33.03
C MET A 73 32.35 9.64 34.43
N PRO A 74 31.29 9.77 35.23
CA PRO A 74 31.25 9.03 36.49
C PRO A 74 31.35 7.52 36.28
N ARG A 75 31.75 6.78 37.29
CA ARG A 75 31.99 5.37 37.13
C ARG A 75 30.70 4.60 37.21
N THR A 76 29.62 5.28 37.59
CA THR A 76 28.29 4.71 37.56
C THR A 76 27.36 5.65 36.78
N LEU A 77 26.39 5.05 36.09
CA LEU A 77 25.43 5.89 35.34
C LEU A 77 24.14 5.14 35.41
N LYS A 78 23.19 5.66 36.19
CA LYS A 78 21.92 5.02 36.33
C LYS A 78 20.86 5.59 35.37
N ALA A 79 20.95 6.85 34.95
CA ALA A 79 19.90 7.40 34.06
C ALA A 79 20.40 8.62 33.34
N ILE A 80 19.79 8.86 32.19
CA ILE A 80 19.98 10.04 31.40
C ILE A 80 18.66 10.60 30.96
N ALA A 81 18.56 11.91 30.79
CA ALA A 81 17.36 12.49 30.24
C ALA A 81 17.64 13.85 29.69
N LEU A 82 16.86 14.24 28.69
CA LEU A 82 17.00 15.53 28.05
C LEU A 82 15.83 16.36 28.35
N ASP A 83 16.03 17.67 28.42
CA ASP A 83 14.86 18.52 28.56
C ASP A 83 14.09 18.49 27.21
N PRO A 84 12.82 18.89 27.23
CA PRO A 84 12.03 18.78 26.03
C PRO A 84 12.49 19.60 24.86
N GLN A 85 13.31 20.61 25.07
CA GLN A 85 13.86 21.43 23.96
C GLN A 85 15.20 20.98 23.50
N GLY A 86 15.79 20.01 24.18
CA GLY A 86 17.09 19.51 23.73
C GLY A 86 18.30 20.37 24.00
N ASN A 87 18.21 21.24 25.00
CA ASN A 87 19.32 22.14 25.35
C ASN A 87 20.11 21.72 26.56
N TYR A 88 19.48 20.91 27.41
CA TYR A 88 20.10 20.41 28.63
C TYR A 88 20.00 18.87 28.72
N VAL A 89 21.01 18.27 29.31
CA VAL A 89 20.98 16.84 29.64
C VAL A 89 21.20 16.69 31.14
N SER A 90 20.45 15.76 31.75
CA SER A 90 20.65 15.35 33.13
C SER A 90 21.19 13.97 33.17
N LEU A 91 22.34 13.81 33.81
CA LEU A 91 22.98 12.51 33.98
C LEU A 91 22.93 12.15 35.49
N PHE A 92 22.58 10.92 35.80
CA PHE A 92 22.52 10.48 37.17
C PHE A 92 23.47 9.32 37.36
N SER A 93 24.43 9.49 38.26
CA SER A 93 25.22 8.36 38.76
C SER A 93 24.50 7.75 39.96
N LYS A 94 25.15 6.82 40.69
CA LYS A 94 24.51 6.24 41.85
C LYS A 94 24.22 7.27 42.96
N ASP A 95 25.04 8.32 43.08
CA ASP A 95 24.84 9.31 44.13
C ASP A 95 24.83 10.75 43.68
N THR A 96 24.99 11.01 42.38
CA THR A 96 25.10 12.42 41.92
C THR A 96 24.33 12.68 40.64
N LEU A 97 23.71 13.85 40.57
CA LEU A 97 23.15 14.32 39.34
C LEU A 97 23.95 15.49 38.79
N PHE A 98 24.05 15.49 37.48
CA PHE A 98 24.81 16.46 36.76
C PHE A 98 23.94 17.05 35.68
N ILE A 99 23.88 18.37 35.57
CA ILE A 99 23.06 19.05 34.58
C ILE A 99 24.01 19.79 33.65
N LEU A 100 24.02 19.36 32.39
CA LEU A 100 24.83 19.98 31.36
C LEU A 100 24.07 20.75 30.33
N ASN A 101 24.67 21.85 29.97
CA ASN A 101 24.18 22.67 28.90
C ASN A 101 24.78 22.06 27.66
N VAL A 102 23.94 21.65 26.69
CA VAL A 102 24.54 21.02 25.50
C VAL A 102 24.66 22.01 24.34
N GLU A 103 23.91 23.12 24.40
CA GLU A 103 23.90 24.15 23.37
C GLU A 103 25.17 24.96 23.48
N SER A 104 25.52 25.41 24.68
CA SER A 104 26.87 25.96 24.93
C SER A 104 27.58 25.12 25.99
N PRO A 105 28.37 24.12 25.55
CA PRO A 105 28.68 23.04 26.50
C PRO A 105 29.31 23.51 27.82
N SER A 106 28.66 23.15 28.92
CA SER A 106 29.23 23.31 30.25
C SER A 106 28.39 22.58 31.30
N LEU A 107 29.02 22.37 32.45
CA LEU A 107 28.39 21.78 33.60
C LEU A 107 27.75 22.90 34.33
N MET A 108 26.45 22.84 34.49
CA MET A 108 25.71 23.92 35.09
C MET A 108 25.57 23.63 36.57
N LEU A 109 25.47 22.36 36.91
CA LEU A 109 25.12 22.02 38.28
C LEU A 109 25.46 20.59 38.55
N GLN A 110 25.85 20.35 39.80
CA GLN A 110 26.09 19.04 40.32
C GLN A 110 25.45 18.96 41.69
N HIS A 111 24.77 17.86 42.02
CA HIS A 111 23.94 17.76 43.21
C HIS A 111 23.86 16.34 43.68
N SER A 112 24.10 16.10 44.99
CA SER A 112 24.12 14.73 45.46
C SER A 112 22.74 14.27 45.93
N TYR A 113 22.41 12.99 45.75
CA TYR A 113 21.00 12.59 45.84
C TYR A 113 20.96 11.18 46.36
N HIS A 114 19.91 10.86 47.13
CA HIS A 114 19.71 9.50 47.65
C HIS A 114 19.01 8.62 46.58
N SER A 115 19.58 7.43 46.39
CA SER A 115 19.08 6.38 45.52
C SER A 115 19.21 5.13 46.34
N LYS A 116 18.31 4.17 46.21
CA LYS A 116 18.37 2.98 47.05
C LYS A 116 18.96 1.76 46.30
N PRO A 117 20.12 1.91 45.59
CA PRO A 117 20.61 0.83 44.71
C PRO A 117 20.56 -0.53 45.38
N ASN A 118 20.11 -1.60 44.73
CA ASN A 118 19.84 -1.68 43.28
C ASN A 118 18.45 -1.13 42.86
N SER A 119 18.29 0.19 42.91
CA SER A 119 17.10 0.87 42.46
C SER A 119 17.34 1.23 41.01
N LYS A 120 16.33 0.96 40.20
CA LYS A 120 16.29 1.37 38.83
C LYS A 120 15.60 2.75 38.78
N LEU A 121 16.17 3.67 38.02
CA LEU A 121 15.62 5.02 37.88
C LEU A 121 14.98 5.30 36.54
N ASN A 122 13.89 6.05 36.55
CA ASN A 122 13.43 6.74 35.36
C ASN A 122 13.41 8.22 35.68
N VAL A 123 13.96 9.09 34.79
CA VAL A 123 14.00 10.52 35.02
C VAL A 123 13.34 11.33 33.93
N PHE A 124 12.58 12.38 34.26
CA PHE A 124 11.82 13.15 33.28
C PHE A 124 11.96 14.58 33.65
N TRP A 125 12.12 15.44 32.66
CA TRP A 125 12.02 16.88 32.81
C TRP A 125 10.60 17.36 32.48
N MET A 126 10.05 18.25 33.30
CA MET A 126 8.79 18.84 32.94
C MET A 126 8.87 20.37 33.09
N PRO A 127 8.23 21.09 32.19
CA PRO A 127 8.31 22.56 32.23
C PRO A 127 7.65 23.06 33.49
N GLY A 128 8.30 23.95 34.22
CA GLY A 128 7.65 24.65 35.34
C GLY A 128 7.16 26.01 34.90
N THR A 129 7.61 27.04 35.60
CA THR A 129 7.20 28.42 35.33
C THR A 129 8.26 29.22 34.51
N HIS A 130 8.71 28.66 33.38
CA HIS A 130 9.78 29.30 32.58
C HIS A 130 9.29 30.60 31.90
N LYS A 131 10.18 31.22 31.11
CA LYS A 131 9.89 32.39 30.25
C LYS A 131 10.84 33.52 30.65
N ASP A 132 11.74 33.95 29.76
CA ASP A 132 11.82 33.45 28.38
C ASP A 132 13.22 32.94 28.02
N ASP A 133 14.01 33.77 27.32
CA ASP A 133 15.39 33.44 26.99
C ASP A 133 16.27 33.70 28.22
N GLU A 134 15.72 34.38 29.24
CA GLU A 134 16.49 34.81 30.42
C GLU A 134 16.72 33.72 31.46
N TRP A 135 15.63 33.12 31.92
CA TRP A 135 15.70 32.08 32.91
C TRP A 135 14.63 31.04 32.61
N LYS A 136 14.84 29.83 33.07
CA LYS A 136 13.86 28.77 32.92
C LYS A 136 13.70 28.01 34.21
N ASN A 137 12.48 27.61 34.49
CA ASN A 137 12.21 26.70 35.57
C ASN A 137 11.70 25.34 35.08
N PHE A 138 12.12 24.26 35.73
CA PHE A 138 11.73 22.91 35.38
C PHE A 138 11.40 22.17 36.63
N GLU A 139 10.57 21.14 36.49
CA GLU A 139 10.53 20.06 37.46
C GLU A 139 11.23 18.82 36.94
N LEU A 140 12.16 18.31 37.73
CA LEU A 140 12.93 17.15 37.38
C LEU A 140 12.42 16.03 38.24
N VAL A 141 11.85 15.01 37.60
CA VAL A 141 11.21 13.94 38.35
C VAL A 141 12.05 12.68 38.28
N VAL A 142 12.27 12.09 39.43
CA VAL A 142 13.04 10.90 39.55
C VAL A 142 12.18 9.81 40.11
N VAL A 143 11.99 8.76 39.33
CA VAL A 143 11.12 7.67 39.72
C VAL A 143 11.95 6.43 39.97
N GLU A 144 11.72 5.80 41.12
CA GLU A 144 12.43 4.59 41.50
C GLU A 144 11.54 3.38 41.41
N SER A 145 12.10 2.29 40.95
CA SER A 145 11.28 1.07 40.85
C SER A 145 10.71 0.63 42.20
N SER A 146 11.35 1.11 43.26
CA SER A 146 10.93 0.91 44.65
C SER A 146 9.54 1.50 44.92
N GLY A 147 9.09 2.47 44.14
CA GLY A 147 7.82 3.11 44.40
C GLY A 147 7.97 4.52 44.92
N GLU A 148 9.20 4.96 45.05
CA GLU A 148 9.55 6.32 45.46
C GLU A 148 9.57 7.27 44.25
N ILE A 149 8.93 8.43 44.38
CA ILE A 149 8.99 9.46 43.38
C ILE A 149 9.42 10.75 44.03
N GLN A 150 10.53 11.31 43.52
CA GLN A 150 11.07 12.59 43.97
C GLN A 150 10.93 13.65 42.91
N VAL A 151 10.53 14.84 43.34
CA VAL A 151 10.47 15.96 42.41
C VAL A 151 11.24 17.17 42.85
N PHE A 152 12.13 17.57 41.94
CA PHE A 152 13.10 18.60 42.18
C PHE A 152 12.70 19.80 41.40
N SER A 153 12.84 20.97 42.02
CA SER A 153 12.66 22.22 41.28
C SER A 153 14.03 22.66 40.85
N LEU A 154 14.14 22.90 39.54
CA LEU A 154 15.39 23.23 38.91
C LEU A 154 15.22 24.56 38.24
N THR A 155 16.04 25.53 38.63
CA THR A 155 16.06 26.80 37.92
C THR A 155 17.36 26.98 37.19
N ILE A 156 17.28 27.40 35.94
CA ILE A 156 18.43 27.56 35.12
C ILE A 156 18.52 28.98 34.64
N GLU A 157 19.73 29.53 34.76
CA GLU A 157 20.03 30.86 34.26
C GLU A 157 21.24 30.85 33.34
N ILE A 158 21.63 32.01 32.87
CA ILE A 158 22.81 32.12 32.03
C ILE A 158 24.04 31.67 32.85
N GLU A 159 24.17 32.26 34.02
CA GLU A 159 25.29 31.99 34.93
C GLU A 159 25.34 30.51 35.29
N GLY A 160 24.34 30.04 36.02
CA GLY A 160 24.28 28.65 36.44
C GLY A 160 22.87 28.18 36.77
N ALA A 161 22.76 27.36 37.79
CA ALA A 161 21.48 26.78 38.18
C ALA A 161 21.41 26.48 39.67
N ASP A 162 20.20 26.28 40.15
CA ASP A 162 19.91 25.87 41.52
C ASP A 162 18.90 24.74 41.45
N ILE A 163 18.94 23.88 42.45
CA ILE A 163 18.01 22.80 42.55
C ILE A 163 17.49 22.61 44.00
N ALA A 164 16.28 22.12 44.18
CA ALA A 164 15.73 21.78 45.51
C ALA A 164 14.75 20.65 45.38
N LEU A 165 14.88 19.64 46.24
CA LEU A 165 13.88 18.58 46.42
C LEU A 165 12.64 19.18 46.97
N VAL A 166 11.55 19.20 46.21
CA VAL A 166 10.36 19.89 46.67
C VAL A 166 9.27 18.90 47.11
N GLU A 167 9.19 17.72 46.49
CA GLU A 167 8.13 16.78 46.83
C GLU A 167 8.73 15.44 46.83
N LYS A 168 8.09 14.53 47.57
CA LYS A 168 8.49 13.16 47.60
C LYS A 168 7.29 12.31 47.81
N PHE A 169 7.10 11.27 47.03
CA PHE A 169 5.92 10.44 47.21
C PHE A 169 6.37 9.01 47.30
N GLN A 170 5.49 8.18 47.85
CA GLN A 170 5.79 6.79 47.99
C GLN A 170 4.53 6.04 47.57
N LEU A 171 4.72 5.09 46.68
CA LEU A 171 3.64 4.25 46.24
C LEU A 171 3.67 2.96 47.07
N SER A 172 2.52 2.32 47.17
CA SER A 172 2.33 1.12 47.96
C SER A 172 2.82 -0.13 47.28
N SER A 173 3.27 -0.03 46.03
CA SER A 173 3.82 -1.19 45.34
C SER A 173 5.05 -0.83 44.44
N PRO A 174 5.83 -1.84 44.03
CA PRO A 174 6.90 -1.49 43.09
C PRO A 174 6.37 -1.07 41.70
N ILE A 175 7.11 -0.17 41.08
CA ILE A 175 6.72 0.44 39.83
C ILE A 175 7.27 -0.33 38.68
N ILE A 176 6.40 -0.86 37.84
CA ILE A 176 6.80 -1.54 36.59
C ILE A 176 7.20 -0.50 35.50
N LYS A 177 6.54 0.65 35.45
CA LYS A 177 6.67 1.56 34.32
C LYS A 177 6.13 2.92 34.73
N SER A 178 6.87 3.98 34.49
CA SER A 178 6.39 5.32 34.76
C SER A 178 6.55 6.13 33.50
N ILE A 179 5.64 7.07 33.29
CA ILE A 179 5.71 8.00 32.20
C ILE A 179 5.29 9.39 32.63
N SER A 180 5.78 10.35 31.89
CA SER A 180 5.39 11.76 32.09
C SER A 180 4.36 12.18 31.08
N ILE A 181 3.37 12.94 31.50
CA ILE A 181 2.47 13.59 30.59
C ILE A 181 2.41 15.11 30.88
N VAL A 182 3.04 15.87 30.00
CA VAL A 182 3.11 17.35 30.07
C VAL A 182 1.96 17.75 29.20
N SER A 183 0.82 18.00 29.80
CA SER A 183 -0.38 18.15 28.99
C SER A 183 -0.74 19.64 28.92
N PRO A 184 -1.73 20.06 28.09
CA PRO A 184 -2.13 21.48 28.15
C PRO A 184 -2.82 21.89 29.47
N THR A 185 -3.28 20.93 30.25
CA THR A 185 -4.03 21.20 31.47
C THR A 185 -3.11 21.09 32.66
N ALA A 186 -2.21 20.12 32.66
CA ALA A 186 -1.37 19.86 33.86
C ALA A 186 -0.14 19.03 33.54
N ASN A 187 0.86 19.12 34.42
CA ASN A 187 1.95 18.16 34.45
C ASN A 187 1.51 16.95 35.22
N ARG A 188 1.73 15.78 34.66
CA ARG A 188 1.27 14.54 35.26
C ARG A 188 2.35 13.50 35.23
N ILE A 189 2.43 12.68 36.28
CA ILE A 189 3.29 11.52 36.29
C ILE A 189 2.45 10.29 36.55
N ALA A 190 2.54 9.31 35.65
CA ALA A 190 1.68 8.12 35.71
C ALA A 190 2.56 6.92 35.94
N SER A 191 2.13 6.02 36.84
CA SER A 191 2.91 4.84 37.21
C SER A 191 2.07 3.58 37.25
N LEU A 192 2.52 2.56 36.58
CA LEU A 192 1.87 1.26 36.61
C LEU A 192 2.62 0.48 37.64
N THR A 193 1.92 0.03 38.68
CA THR A 193 2.59 -0.76 39.76
C THR A 193 2.26 -2.24 39.63
N GLU A 194 3.07 -3.07 40.29
CA GLU A 194 2.84 -4.53 40.38
C GLU A 194 1.46 -4.96 40.85
N SER A 195 0.77 -4.08 41.57
CA SER A 195 -0.62 -4.26 41.96
C SER A 195 -1.58 -4.24 40.82
N GLY A 196 -1.15 -3.80 39.64
CA GLY A 196 -2.08 -3.61 38.56
C GLY A 196 -2.77 -2.27 38.52
N GLU A 197 -2.51 -1.42 39.50
CA GLU A 197 -3.08 -0.06 39.50
C GLU A 197 -2.24 0.90 38.66
N VAL A 198 -2.89 1.86 38.03
CA VAL A 198 -2.14 2.99 37.53
C VAL A 198 -2.49 4.22 38.40
N THR A 199 -1.47 4.78 39.01
CA THR A 199 -1.61 5.98 39.81
C THR A 199 -1.07 7.17 38.99
N VAL A 200 -1.87 8.20 38.91
CA VAL A 200 -1.48 9.41 38.26
C VAL A 200 -1.37 10.52 39.30
N TYR A 201 -0.17 11.05 39.48
CA TYR A 201 0.01 12.33 40.23
C TYR A 201 -0.05 13.54 39.30
N SER A 202 -1.01 14.42 39.53
CA SER A 202 -1.20 15.62 38.71
C SER A 202 -1.05 16.91 39.51
N LYS A 203 -0.42 17.89 38.86
CA LYS A 203 -0.13 19.16 39.45
C LYS A 203 -1.22 20.16 39.08
N LYS A 204 -1.95 20.64 40.08
CA LYS A 204 -2.77 21.85 39.88
C LYS A 204 -2.30 22.98 40.80
N GLY A 205 -1.87 24.07 40.17
CA GLY A 205 -1.26 25.16 40.88
C GLY A 205 -0.05 24.66 41.64
N PRO A 206 0.04 24.92 42.94
CA PRO A 206 1.25 24.53 43.65
C PRO A 206 1.24 23.10 44.12
N VAL A 207 0.09 22.41 43.97
CA VAL A 207 -0.16 21.11 44.64
C VAL A 207 -0.32 19.89 43.71
N TRP A 208 0.48 18.86 43.98
CA TRP A 208 0.28 17.56 43.39
C TRP A 208 -0.82 16.74 44.11
N SER A 209 -1.72 16.10 43.35
CA SER A 209 -2.65 15.11 43.90
C SER A 209 -2.73 13.84 43.05
N PRO A 210 -2.90 12.71 43.74
CA PRO A 210 -2.92 11.40 43.12
C PRO A 210 -4.32 10.99 42.77
N LYS A 211 -4.45 10.21 41.72
CA LYS A 211 -5.67 9.50 41.48
C LYS A 211 -5.31 8.12 40.99
N ILE A 212 -6.19 7.17 41.22
CA ILE A 212 -6.01 5.84 40.68
C ILE A 212 -6.97 5.73 39.54
N LEU A 213 -6.47 5.35 38.38
CA LEU A 213 -7.29 5.19 37.19
C LEU A 213 -8.05 3.88 37.16
N SER A 214 -9.19 3.85 36.48
CA SER A 214 -9.94 2.59 36.27
C SER A 214 -9.81 2.07 34.84
N GLN A 215 -9.32 0.85 34.66
CA GLN A 215 -9.53 0.15 33.38
C GLN A 215 -11.01 -0.17 33.08
N ASN A 216 -11.27 -0.63 31.85
CA ASN A 216 -12.56 -1.07 31.42
C ASN A 216 -13.07 -2.14 32.41
N LYS A 217 -14.15 -1.85 33.09
CA LYS A 217 -14.72 -2.72 34.11
C LYS A 217 -15.10 -4.12 33.63
N ASN A 218 -15.29 -4.31 32.31
CA ASN A 218 -15.52 -5.65 31.75
C ASN A 218 -14.35 -6.55 31.83
N TYR A 219 -13.18 -6.06 32.22
CA TYR A 219 -11.92 -6.79 32.04
C TYR A 219 -11.02 -6.68 33.26
N LEU A 220 -11.62 -6.60 34.44
CA LEU A 220 -10.91 -6.36 35.71
C LEU A 220 -9.90 -7.43 36.15
N THR A 221 -10.05 -8.66 35.66
CA THR A 221 -9.09 -9.71 36.04
C THR A 221 -7.83 -9.78 35.16
N GLU A 222 -7.83 -9.03 34.05
CA GLU A 222 -6.69 -9.08 33.16
C GLU A 222 -5.51 -8.43 33.86
N THR A 223 -4.36 -9.03 33.66
CA THR A 223 -3.09 -8.40 33.98
C THR A 223 -2.84 -7.11 33.09
N LYS A 224 -2.48 -6.04 33.76
CA LYS A 224 -2.05 -4.75 33.13
C LYS A 224 -0.61 -4.89 32.69
N LYS A 225 -0.32 -4.52 31.45
CA LYS A 225 0.98 -4.82 30.84
C LYS A 225 1.82 -3.57 30.56
N ASP A 226 1.16 -2.42 30.36
CA ASP A 226 1.93 -1.23 29.99
C ASP A 226 1.02 0.00 30.02
N ILE A 227 1.67 1.13 30.06
CA ILE A 227 1.01 2.44 29.90
C ILE A 227 1.81 3.28 28.95
N TYR A 228 1.12 4.14 28.18
CA TYR A 228 1.85 4.99 27.22
C TYR A 228 1.02 6.24 27.07
N GLY A 229 1.66 7.39 26.99
CA GLY A 229 0.90 8.68 26.98
C GLY A 229 1.05 9.46 25.67
N ILE A 230 0.01 10.17 25.25
CA ILE A 230 0.16 11.21 24.18
C ILE A 230 -0.14 12.50 24.94
N ALA A 231 0.92 13.19 25.28
CA ALA A 231 0.83 14.23 26.27
C ALA A 231 -0.03 15.40 25.74
N MET A 232 0.13 15.76 24.51
CA MET A 232 -0.63 16.95 24.03
C MET A 232 -2.15 16.74 23.92
N ALA A 233 -2.58 15.46 23.85
CA ALA A 233 -3.99 15.09 23.77
C ALA A 233 -4.53 14.85 25.17
N ASP A 234 -3.66 14.80 26.18
CA ASP A 234 -3.97 14.45 27.57
C ASP A 234 -4.64 13.00 27.62
N ILE A 235 -3.99 12.06 26.99
CA ILE A 235 -4.48 10.71 26.87
C ILE A 235 -3.44 9.76 27.39
N LEU A 236 -3.90 8.76 28.13
CA LEU A 236 -3.11 7.62 28.52
C LEU A 236 -3.69 6.33 27.96
N PHE A 237 -2.81 5.48 27.43
CA PHE A 237 -3.20 4.17 26.88
C PHE A 237 -2.78 3.14 27.95
N LEU A 238 -3.71 2.28 28.41
CA LEU A 238 -3.46 1.22 29.38
C LEU A 238 -3.62 -0.13 28.63
N ALA A 239 -2.54 -0.85 28.44
CA ALA A 239 -2.51 -2.10 27.74
C ALA A 239 -2.69 -3.22 28.76
N ARG A 240 -3.52 -4.18 28.41
CA ARG A 240 -3.84 -5.32 29.30
C ARG A 240 -3.78 -6.52 28.34
N ASP A 241 -4.55 -7.58 28.58
CA ASP A 241 -4.32 -8.84 27.82
C ASP A 241 -5.26 -9.07 26.66
N SER A 242 -6.43 -8.43 26.63
CA SER A 242 -7.29 -8.49 25.44
C SER A 242 -7.55 -7.12 24.82
N GLY A 243 -6.71 -6.17 25.18
CA GLY A 243 -6.79 -4.85 24.52
C GLY A 243 -6.11 -3.69 25.23
N VAL A 244 -6.44 -2.48 24.75
CA VAL A 244 -5.88 -1.28 25.29
C VAL A 244 -7.00 -0.29 25.52
N ASP A 245 -7.06 0.24 26.75
CA ASP A 245 -8.02 1.31 27.09
C ASP A 245 -7.39 2.69 26.94
N MET A 246 -8.12 3.56 26.21
CA MET A 246 -7.66 4.89 25.84
C MET A 246 -8.46 5.84 26.74
N ILE A 247 -7.76 6.52 27.65
CA ILE A 247 -8.37 7.25 28.72
C ILE A 247 -8.07 8.76 28.61
N ASP A 248 -9.10 9.59 28.72
CA ASP A 248 -8.98 11.07 28.79
C ASP A 248 -8.62 11.48 30.19
N LEU A 249 -7.43 11.99 30.37
CA LEU A 249 -7.00 12.30 31.73
C LEU A 249 -7.55 13.67 32.21
N LYS A 250 -7.99 14.50 31.29
CA LYS A 250 -8.48 15.84 31.68
C LYS A 250 -9.85 15.69 32.37
N ASN A 251 -10.78 15.09 31.65
CA ASN A 251 -12.13 14.86 32.18
C ASN A 251 -12.36 13.46 32.79
N ASP A 252 -11.28 12.71 33.02
N ASP A 252 -11.28 12.67 32.83
CA ASP A 252 -11.31 11.31 33.56
CA ASP A 252 -11.30 11.38 33.50
C ASP A 252 -12.45 10.46 32.95
C ASP A 252 -12.39 10.47 32.95
N GLU A 253 -12.09 9.78 31.86
CA GLU A 253 -13.14 9.23 31.04
C GLU A 253 -12.56 8.21 30.08
N LEU A 254 -13.11 7.00 30.10
CA LEU A 254 -12.71 5.99 29.17
C LEU A 254 -13.23 6.35 27.81
N LEU A 255 -12.36 6.51 26.81
CA LEU A 255 -12.84 6.92 25.50
C LEU A 255 -13.10 5.77 24.52
N HIS A 256 -12.23 4.73 24.56
CA HIS A 256 -12.42 3.54 23.74
C HIS A 256 -11.55 2.43 24.27
N SER A 257 -11.96 1.18 23.99
CA SER A 257 -11.16 0.00 24.22
C SER A 257 -10.90 -0.59 22.91
N PHE A 258 -9.64 -0.69 22.56
CA PHE A 258 -9.22 -1.32 21.32
C PHE A 258 -9.09 -2.80 21.65
N THR A 259 -9.33 -3.69 20.68
CA THR A 259 -9.19 -5.13 20.91
C THR A 259 -7.85 -5.59 20.37
N LEU A 260 -7.03 -6.18 21.24
CA LEU A 260 -5.67 -6.64 20.90
C LEU A 260 -5.43 -8.01 21.49
N PRO A 261 -4.44 -8.68 20.96
CA PRO A 261 -3.97 -9.90 21.64
C PRO A 261 -3.11 -9.55 22.81
N PRO A 262 -2.70 -10.58 23.56
CA PRO A 262 -1.97 -10.40 24.75
C PRO A 262 -0.65 -9.70 24.45
N ILE A 263 -0.29 -8.77 25.30
CA ILE A 263 0.86 -7.86 25.04
C ILE A 263 1.91 -8.16 26.08
N LYS A 264 3.13 -8.26 25.64
CA LYS A 264 4.24 -8.44 26.54
C LYS A 264 4.54 -7.23 27.37
N VAL A 265 4.74 -7.43 28.67
CA VAL A 265 4.95 -6.35 29.55
C VAL A 265 6.05 -5.37 29.05
N ASN A 266 5.77 -4.09 29.16
CA ASN A 266 6.69 -3.04 28.76
C ASN A 266 7.10 -3.00 27.33
N THR A 267 6.28 -3.47 26.42
CA THR A 267 6.72 -3.42 25.01
C THR A 267 5.83 -2.59 24.10
N PHE A 268 4.88 -1.85 24.67
CA PHE A 268 3.84 -1.17 23.96
C PHE A 268 4.18 0.33 23.69
N SER A 269 3.96 0.79 22.48
CA SER A 269 4.02 2.23 22.22
C SER A 269 2.97 2.63 21.21
N VAL A 270 2.76 3.95 21.10
CA VAL A 270 1.72 4.48 20.23
C VAL A 270 2.25 5.60 19.40
N GLY A 271 1.89 5.69 18.16
CA GLY A 271 2.11 6.99 17.45
C GLY A 271 0.81 7.40 16.78
N VAL A 272 0.57 8.70 16.66
CA VAL A 272 -0.57 9.24 15.92
C VAL A 272 -0.11 10.28 14.86
N SER A 273 -0.87 10.36 13.76
CA SER A 273 -0.48 11.15 12.63
C SER A 273 -1.29 12.42 12.43
N ASN A 274 -0.62 13.47 11.93
CA ASN A 274 -1.30 14.70 11.54
C ASN A 274 -2.13 15.29 12.64
N SER A 275 -1.55 15.38 13.85
CA SER A 275 -2.25 15.83 15.02
C SER A 275 -2.67 17.34 14.74
N ARG A 276 -3.92 17.70 14.97
CA ARG A 276 -4.30 19.12 14.94
C ARG A 276 -5.43 19.29 15.94
N PHE A 277 -5.62 20.52 16.43
CA PHE A 277 -6.60 20.76 17.45
C PHE A 277 -7.54 21.79 16.87
N VAL A 278 -8.81 21.42 16.75
CA VAL A 278 -9.78 22.25 16.04
C VAL A 278 -11.09 22.22 16.86
N ASN A 279 -11.49 23.43 17.25
CA ASN A 279 -12.69 23.62 18.05
C ASN A 279 -12.81 22.64 19.18
N GLY A 280 -11.79 22.58 20.00
CA GLY A 280 -11.87 21.75 21.22
C GLY A 280 -11.61 20.27 21.00
N GLN A 281 -11.30 19.90 19.78
CA GLN A 281 -11.09 18.50 19.36
C GLN A 281 -9.65 18.22 19.01
N PHE A 282 -9.06 17.24 19.68
CA PHE A 282 -7.77 16.73 19.25
C PHE A 282 -7.98 15.73 18.13
N ARG A 283 -7.58 16.10 16.93
CA ARG A 283 -7.84 15.27 15.77
C ARG A 283 -6.55 14.68 15.21
N VAL A 284 -6.64 13.42 14.75
CA VAL A 284 -5.56 12.71 14.08
C VAL A 284 -6.05 12.00 12.86
N SER A 285 -5.17 11.78 11.90
CA SER A 285 -5.55 11.07 10.71
C SER A 285 -5.47 9.54 10.90
N SER A 286 -4.71 9.08 11.89
CA SER A 286 -4.43 7.62 12.11
C SER A 286 -3.83 7.36 13.45
N ILE A 287 -3.96 6.11 13.94
CA ILE A 287 -3.33 5.71 15.20
C ILE A 287 -2.60 4.43 14.89
N SER A 288 -1.40 4.27 15.45
CA SER A 288 -0.58 3.05 15.26
C SER A 288 -0.10 2.61 16.60
N PHE A 289 -0.18 1.29 16.81
CA PHE A 289 0.34 0.64 18.04
C PHE A 289 1.49 -0.26 17.62
N CYS A 290 2.48 -0.37 18.48
CA CYS A 290 3.57 -1.31 18.35
C CYS A 290 3.66 -2.06 19.64
N PHE A 291 3.82 -3.36 19.55
CA PHE A 291 3.99 -4.23 20.75
C PHE A 291 4.62 -5.60 20.39
N THR A 292 5.08 -6.28 21.42
CA THR A 292 5.50 -7.68 21.32
C THR A 292 4.41 -8.56 21.84
N HIS A 293 4.03 -9.46 20.99
CA HIS A 293 2.93 -10.37 21.23
C HIS A 293 3.40 -11.31 22.35
N ALA A 294 2.66 -11.37 23.42
CA ALA A 294 2.98 -12.21 24.55
C ALA A 294 2.95 -13.72 24.28
N VAL A 295 2.31 -14.17 23.23
CA VAL A 295 2.23 -15.58 22.90
C VAL A 295 3.35 -15.94 21.97
N THR A 296 3.42 -15.30 20.83
CA THR A 296 4.45 -15.66 19.79
C THR A 296 5.78 -14.93 19.92
N GLU A 297 5.86 -13.98 20.85
CA GLU A 297 6.99 -13.11 20.96
C GLU A 297 7.40 -12.42 19.66
N LYS A 298 6.49 -12.25 18.74
CA LYS A 298 6.72 -11.50 17.49
C LYS A 298 6.41 -10.00 17.73
N VAL A 299 7.10 -9.13 17.02
CA VAL A 299 6.75 -7.68 17.06
C VAL A 299 5.65 -7.41 16.03
N LEU A 300 4.60 -6.75 16.48
CA LEU A 300 3.46 -6.41 15.68
C LEU A 300 3.15 -4.88 15.64
N TYR A 301 2.63 -4.46 14.50
CA TYR A 301 2.20 -3.06 14.26
C TYR A 301 0.77 -3.08 13.81
N TYR A 302 -0.09 -2.45 14.61
CA TYR A 302 -1.47 -2.29 14.25
C TYR A 302 -1.66 -0.83 13.88
N TYR A 303 -2.19 -0.63 12.70
CA TYR A 303 -2.47 0.69 12.12
C TYR A 303 -3.97 0.85 11.90
N TYR A 304 -4.52 1.92 12.45
CA TYR A 304 -5.94 2.23 12.32
C TYR A 304 -6.15 3.53 11.56
N GLY A 305 -6.98 3.49 10.52
CA GLY A 305 -7.33 4.71 9.81
C GLY A 305 -7.40 4.59 8.30
N ASN A 306 -8.17 5.50 7.70
CA ASN A 306 -8.24 5.61 6.25
C ASN A 306 -7.19 6.58 5.74
N GLU A 307 -6.49 7.22 6.68
CA GLU A 307 -5.38 8.12 6.38
C GLU A 307 -5.81 9.56 6.12
N SER A 308 -4.83 10.45 6.04
CA SER A 308 -5.04 11.88 5.85
C SER A 308 -6.12 12.22 4.82
N ASN A 309 -5.69 12.50 3.60
CA ASN A 309 -6.63 12.82 2.54
C ASN A 309 -7.76 11.80 2.51
N GLU A 310 -8.78 12.03 3.31
CA GLU A 310 -9.90 11.10 3.42
C GLU A 310 -10.75 11.43 4.63
N SER A 311 -10.20 11.20 5.82
CA SER A 311 -10.95 11.36 7.05
C SER A 311 -10.02 11.56 8.25
N TYR A 312 -10.62 11.67 9.43
CA TYR A 312 -9.86 11.82 10.66
C TYR A 312 -10.61 11.26 11.80
N ILE A 313 -9.95 11.18 12.92
CA ILE A 313 -10.49 10.62 14.13
C ILE A 313 -10.36 11.64 15.16
N ILE A 314 -11.38 11.81 15.98
CA ILE A 314 -11.31 12.65 17.12
C ILE A 314 -10.88 11.78 18.30
N LEU A 315 -9.62 11.97 18.77
CA LEU A 315 -9.06 11.25 19.89
C LEU A 315 -9.48 11.77 21.21
N ASN A 316 -9.69 13.07 21.36
CA ASN A 316 -10.08 13.55 22.64
C ASN A 316 -10.70 14.96 22.46
N LYS A 317 -11.40 15.44 23.48
CA LYS A 317 -12.03 16.76 23.38
C LYS A 317 -11.77 17.47 24.67
N TRP A 318 -11.59 18.78 24.60
CA TRP A 318 -11.41 19.61 25.73
C TRP A 318 -12.59 19.48 26.73
N ASP A 319 -13.79 19.46 26.14
CA ASP A 319 -15.07 19.42 26.80
C ASP A 319 -15.82 18.32 26.09
N GLN A 320 -16.41 17.43 26.86
CA GLN A 320 -17.06 16.23 26.33
C GLN A 320 -18.55 16.56 26.19
N GLN A 321 -18.80 17.69 25.52
CA GLN A 321 -20.13 18.25 25.34
C GLN A 321 -20.17 18.70 23.89
N PRO A 322 -21.36 18.99 23.36
CA PRO A 322 -21.45 19.52 21.98
C PRO A 322 -21.12 21.01 21.93
N ASN A 323 -20.77 21.52 20.74
CA ASN A 323 -20.31 22.91 20.58
C ASN A 323 -20.45 23.44 19.14
N LEU A 324 -21.35 24.41 18.95
CA LEU A 324 -21.69 24.90 17.62
C LEU A 324 -20.91 26.16 17.25
N VAL A 325 -19.73 26.30 17.85
CA VAL A 325 -18.80 27.36 17.48
C VAL A 325 -18.74 27.38 15.98
N ASP A 326 -18.88 28.56 15.43
CA ASP A 326 -18.73 28.78 14.01
C ASP A 326 -17.29 29.36 13.81
N VAL A 327 -16.26 28.51 13.78
CA VAL A 327 -14.88 29.00 13.53
C VAL A 327 -14.26 28.23 12.39
N HIS A 328 -13.04 28.61 12.04
CA HIS A 328 -12.43 28.01 10.89
C HIS A 328 -12.19 26.52 11.15
N ASP A 329 -12.66 25.69 10.23
CA ASP A 329 -12.43 24.26 10.32
C ASP A 329 -11.71 23.77 9.07
N PRO A 330 -10.37 23.63 9.19
CA PRO A 330 -9.56 23.12 8.08
C PRO A 330 -9.92 21.71 7.56
N ASP A 331 -10.73 20.91 8.28
CA ASP A 331 -11.06 19.52 7.87
C ASP A 331 -12.50 19.37 7.32
N ASN A 332 -13.05 20.47 6.82
CA ASN A 332 -14.41 20.46 6.25
C ASN A 332 -14.59 19.36 5.20
N SER A 333 -13.83 19.43 4.10
CA SER A 333 -13.85 18.39 3.05
C SER A 333 -13.53 16.96 3.50
N LEU A 334 -13.47 16.71 4.81
CA LEU A 334 -13.15 15.38 5.37
C LEU A 334 -14.22 14.75 6.27
N ALA A 335 -14.23 13.42 6.27
CA ALA A 335 -15.14 12.64 7.09
C ALA A 335 -14.58 12.37 8.49
N SER A 336 -15.33 12.71 9.52
CA SER A 336 -15.07 12.32 10.89
C SER A 336 -15.46 10.86 11.16
N LEU A 337 -14.53 10.03 11.59
CA LEU A 337 -14.84 8.59 11.83
C LEU A 337 -15.10 8.26 13.27
N THR A 338 -16.02 7.34 13.52
CA THR A 338 -16.17 6.75 14.84
C THR A 338 -15.09 5.73 15.09
N PHE A 339 -14.90 5.42 16.35
CA PHE A 339 -13.90 4.44 16.74
C PHE A 339 -14.23 3.11 16.14
N ASP A 340 -15.51 2.75 16.15
CA ASP A 340 -15.89 1.40 15.61
C ASP A 340 -15.74 1.20 14.12
N GLU A 341 -15.76 2.26 13.32
CA GLU A 341 -15.54 2.12 11.87
C GLU A 341 -14.11 2.36 11.39
N LEU A 342 -13.15 2.28 12.31
CA LEU A 342 -11.74 2.34 11.94
C LEU A 342 -11.30 1.06 11.27
N GLN A 343 -10.53 1.16 10.19
CA GLN A 343 -9.94 -0.05 9.58
C GLN A 343 -8.56 -0.37 10.20
N GLU A 344 -8.31 -1.64 10.48
CA GLU A 344 -7.17 -2.13 11.21
C GLU A 344 -6.32 -2.95 10.27
N ASN A 345 -5.05 -2.60 10.19
CA ASN A 345 -4.10 -3.25 9.31
C ASN A 345 -2.94 -3.68 10.21
N ILE A 346 -2.47 -4.91 10.06
CA ILE A 346 -1.55 -5.53 10.96
C ILE A 346 -0.32 -5.94 10.18
N HIS A 347 0.83 -5.59 10.68
CA HIS A 347 2.07 -5.97 10.04
C HIS A 347 2.89 -6.65 11.13
N GLU A 348 3.30 -7.88 10.85
CA GLU A 348 4.10 -8.67 11.76
C GLU A 348 5.51 -8.72 11.25
N VAL A 349 6.48 -8.54 12.11
CA VAL A 349 7.87 -8.54 11.72
C VAL A 349 8.58 -9.86 12.14
N GLU A 350 9.44 -10.38 11.26
CA GLU A 350 10.31 -11.54 11.56
C GLU A 350 11.35 -11.20 12.60
N ASP A 351 11.64 -12.17 13.44
CA ASP A 351 12.55 -11.99 14.56
C ASP A 351 13.92 -11.47 14.13
N ALA A 352 14.33 -11.86 12.92
CA ALA A 352 15.64 -11.50 12.44
C ALA A 352 15.78 -9.98 12.38
N SER A 353 14.68 -9.23 12.16
CA SER A 353 14.80 -7.76 12.03
C SER A 353 14.74 -7.03 13.34
N GLU A 354 15.52 -5.98 13.46
CA GLU A 354 15.22 -4.98 14.41
C GLU A 354 14.32 -3.98 13.67
N SER A 355 13.19 -3.64 14.24
CA SER A 355 12.29 -2.68 13.62
C SER A 355 11.81 -1.61 14.57
N VAL A 356 11.33 -0.50 14.02
CA VAL A 356 10.85 0.59 14.80
C VAL A 356 10.00 1.50 13.92
N MET A 357 8.91 2.01 14.46
CA MET A 357 8.07 2.96 13.71
C MET A 357 8.46 4.42 13.93
N SER A 358 8.17 5.22 12.94
CA SER A 358 8.34 6.64 13.05
C SER A 358 7.48 7.26 14.12
N SER A 359 7.78 8.52 14.50
CA SER A 359 7.11 9.07 15.69
C SER A 359 5.61 9.29 15.50
N ASP A 360 5.13 9.43 14.26
CA ASP A 360 3.69 9.49 14.02
C ASP A 360 3.02 8.13 13.65
N GLY A 361 3.76 7.04 13.72
CA GLY A 361 3.28 5.73 13.38
C GLY A 361 3.03 5.44 11.91
N LEU A 362 3.39 6.35 11.03
CA LEU A 362 3.08 6.17 9.63
C LEU A 362 4.06 5.26 8.85
N TYR A 363 5.31 5.17 9.30
CA TYR A 363 6.29 4.31 8.66
C TYR A 363 6.92 3.35 9.67
N ILE A 364 7.17 2.12 9.21
CA ILE A 364 8.00 1.18 9.94
C ILE A 364 9.33 1.02 9.20
N PHE A 365 10.43 1.00 9.91
CA PHE A 365 11.74 0.75 9.33
C PHE A 365 12.38 -0.38 10.02
N GLY A 366 13.24 -1.08 9.30
CA GLY A 366 13.94 -2.15 9.90
C GLY A 366 15.24 -2.50 9.25
N MET A 367 16.07 -3.30 9.96
CA MET A 367 17.33 -3.79 9.44
C MET A 367 17.57 -5.24 9.90
N ARG A 368 18.07 -6.09 9.01
CA ARG A 368 18.54 -7.47 9.37
C ARG A 368 19.82 -7.82 8.66
N ARG A 369 20.71 -8.50 9.36
CA ARG A 369 21.93 -8.98 8.73
C ARG A 369 21.55 -10.31 8.04
N LYS A 370 21.52 -10.36 6.70
CA LYS A 370 21.30 -11.59 5.92
C LYS A 370 22.47 -12.56 5.96
N SER A 371 23.71 -12.07 5.91
CA SER A 371 24.86 -12.96 5.76
C SER A 371 26.18 -12.27 6.05
N SER A 372 27.19 -13.08 6.32
CA SER A 372 28.53 -12.56 6.44
C SER A 372 29.56 -13.57 5.98
N SER A 373 30.73 -13.05 5.58
CA SER A 373 31.79 -13.91 5.00
C SER A 373 33.15 -13.29 5.18
N GLY A 374 34.10 -14.16 5.50
CA GLY A 374 35.49 -13.75 5.79
C GLY A 374 36.17 -13.35 4.50
N ILE A 375 37.09 -12.39 4.61
CA ILE A 375 37.80 -11.86 3.46
C ILE A 375 39.16 -12.57 3.29
N SER A 376 39.77 -12.99 4.41
CA SER A 376 41.02 -13.75 4.39
C SER A 376 40.79 -15.12 3.76
N GLY A 405 38.89 -9.63 8.71
CA GLY A 405 37.68 -8.83 8.62
C GLY A 405 36.61 -9.56 7.84
N GLU A 406 35.39 -9.04 7.83
CA GLU A 406 34.33 -9.72 7.11
C GLU A 406 33.38 -8.80 6.37
N THR A 407 32.78 -9.40 5.36
CA THR A 407 31.85 -8.78 4.48
C THR A 407 30.45 -9.25 4.91
N GLN A 408 29.51 -8.31 5.05
CA GLN A 408 28.17 -8.59 5.51
C GLN A 408 27.16 -8.04 4.54
N VAL A 409 26.07 -8.74 4.34
CA VAL A 409 25.01 -8.24 3.55
C VAL A 409 23.89 -7.95 4.53
N TRP A 410 23.36 -6.73 4.47
CA TRP A 410 22.18 -6.32 5.31
C TRP A 410 20.99 -6.02 4.44
N GLU A 411 19.80 -6.22 4.97
CA GLU A 411 18.61 -5.76 4.30
C GLU A 411 18.09 -4.59 5.17
N VAL A 412 17.93 -3.44 4.54
CA VAL A 412 17.29 -2.24 5.11
C VAL A 412 15.93 -2.10 4.51
N TRP A 413 14.90 -1.99 5.33
CA TRP A 413 13.59 -1.96 4.72
C TRP A 413 12.66 -0.96 5.37
N MET A 414 11.57 -0.66 4.64
CA MET A 414 10.55 0.21 5.16
C MET A 414 9.21 -0.27 4.77
N TYR A 415 8.22 0.09 5.58
CA TYR A 415 6.85 -0.17 5.29
C TYR A 415 6.04 1.13 5.52
N SER A 416 5.32 1.57 4.49
CA SER A 416 4.43 2.73 4.60
C SER A 416 3.06 2.21 4.98
N GLN A 417 2.64 2.46 6.23
CA GLN A 417 1.44 1.86 6.75
C GLN A 417 0.21 2.38 6.03
N SER A 418 0.25 3.60 5.50
CA SER A 418 -0.97 4.15 4.91
C SER A 418 -1.13 3.75 3.44
N GLU A 419 -0.06 3.60 2.69
CA GLU A 419 -0.16 3.15 1.32
C GLU A 419 -0.02 1.65 1.17
N LYS A 420 0.31 0.94 2.27
CA LYS A 420 0.54 -0.52 2.30
C LYS A 420 1.67 -0.99 1.37
N LYS A 421 2.76 -0.26 1.43
CA LYS A 421 3.83 -0.42 0.50
C LYS A 421 5.11 -0.73 1.25
N HIS A 422 5.74 -1.83 0.88
CA HIS A 422 7.02 -2.25 1.40
C HIS A 422 8.13 -1.90 0.41
N ARG A 423 9.32 -1.54 0.90
CA ARG A 423 10.50 -1.34 0.05
C ARG A 423 11.72 -1.87 0.77
N SER A 424 12.68 -2.44 0.06
CA SER A 424 13.86 -2.93 0.71
C SER A 424 15.07 -2.62 -0.13
N LYS A 425 16.21 -2.45 0.53
CA LYS A 425 17.47 -2.21 -0.11
C LYS A 425 18.45 -3.19 0.53
N SER A 426 19.26 -3.78 -0.33
CA SER A 426 20.35 -4.65 0.07
C SER A 426 21.62 -3.78 0.30
N LEU A 427 22.29 -3.98 1.42
CA LEU A 427 23.41 -3.13 1.80
C LEU A 427 24.55 -4.05 2.09
N LYS A 428 25.57 -4.03 1.23
CA LYS A 428 26.75 -4.87 1.46
C LYS A 428 27.87 -4.07 2.08
N MET A 429 28.41 -4.53 3.19
CA MET A 429 29.47 -3.83 3.92
C MET A 429 30.76 -4.66 3.82
N TYR A 430 31.74 -4.06 3.14
CA TYR A 430 33.02 -4.73 2.89
C TYR A 430 33.95 -4.43 4.02
N ASN A 431 34.45 -5.45 4.67
CA ASN A 431 35.25 -5.27 5.89
C ASN A 431 34.50 -4.53 7.05
N SER A 432 33.26 -4.96 7.24
CA SER A 432 32.43 -4.41 8.30
C SER A 432 33.10 -4.46 9.68
N LEU A 433 33.02 -3.37 10.42
CA LEU A 433 33.36 -3.42 11.85
C LEU A 433 32.15 -3.69 12.79
N ILE A 434 31.04 -4.15 12.27
CA ILE A 434 29.88 -4.38 13.11
C ILE A 434 29.76 -5.84 13.47
N ILE A 435 29.83 -6.19 14.75
CA ILE A 435 29.61 -7.63 15.11
C ILE A 435 28.29 -7.89 15.88
N ALA A 436 27.58 -6.84 16.22
CA ALA A 436 26.36 -6.98 16.98
C ALA A 436 25.14 -7.22 16.09
N ASP A 437 24.11 -7.80 16.67
CA ASP A 437 22.80 -7.76 16.08
C ASP A 437 22.27 -6.31 16.26
N PRO A 438 21.41 -5.83 15.37
CA PRO A 438 20.90 -4.45 15.41
C PRO A 438 20.01 -4.21 16.59
N GLY A 439 19.97 -2.98 17.08
CA GLY A 439 19.10 -2.64 18.18
C GLY A 439 19.93 -2.12 19.32
N PRO A 440 19.38 -1.27 20.16
CA PRO A 440 18.02 -0.85 20.23
C PRO A 440 17.71 0.22 19.16
N SER A 441 16.49 0.73 19.16
CA SER A 441 16.11 1.63 18.10
C SER A 441 15.12 2.63 18.56
N LEU A 442 15.09 3.81 17.94
CA LEU A 442 14.23 4.91 18.38
C LEU A 442 13.80 5.82 17.21
N ALA A 443 12.57 6.27 17.22
CA ALA A 443 12.13 7.21 16.24
C ALA A 443 12.82 8.53 16.48
N VAL A 444 13.21 9.20 15.39
CA VAL A 444 13.80 10.49 15.46
C VAL A 444 13.03 11.61 14.78
N SER A 445 11.96 11.26 14.08
CA SER A 445 11.06 12.19 13.50
C SER A 445 9.89 11.36 12.93
N ASP A 446 8.90 12.06 12.38
CA ASP A 446 7.79 11.45 11.68
C ASP A 446 8.21 10.60 10.41
N ARG A 447 9.42 10.77 9.93
CA ARG A 447 9.89 10.00 8.80
C ARG A 447 11.28 9.39 8.98
N CYS A 448 11.78 9.35 10.18
CA CYS A 448 13.15 8.91 10.37
C CYS A 448 13.34 8.24 11.72
N VAL A 449 14.22 7.26 11.73
CA VAL A 449 14.53 6.44 12.84
C VAL A 449 16.04 6.31 12.99
N ALA A 450 16.46 6.05 14.21
CA ALA A 450 17.82 5.65 14.53
C ALA A 450 17.84 4.19 14.98
N ILE A 451 18.76 3.42 14.38
CA ILE A 451 18.94 2.00 14.67
C ILE A 451 20.41 1.81 15.08
N VAL A 452 20.65 1.29 16.27
CA VAL A 452 22.00 1.01 16.75
C VAL A 452 22.56 -0.24 16.03
N LEU A 453 23.80 -0.13 15.61
CA LEU A 453 24.53 -1.24 14.98
C LEU A 453 25.81 -1.41 15.75
N GLY A 454 25.76 -2.14 16.86
CA GLY A 454 26.95 -2.19 17.73
C GLY A 454 27.38 -0.89 18.38
N ASN A 455 28.50 -0.33 17.93
CA ASN A 455 28.93 0.94 18.46
C ASN A 455 28.67 2.09 17.52
N TYR A 456 27.89 1.86 16.47
CA TYR A 456 27.51 2.89 15.53
C TYR A 456 26.01 3.09 15.61
N VAL A 457 25.54 4.20 15.05
CA VAL A 457 24.15 4.37 14.76
C VAL A 457 23.86 4.72 13.28
N ALA A 458 22.83 4.07 12.77
CA ALA A 458 22.33 4.32 11.43
C ALA A 458 21.04 5.06 11.58
N LEU A 459 20.89 6.06 10.74
CA LEU A 459 19.65 6.76 10.50
C LEU A 459 19.05 6.23 9.22
N VAL A 460 17.77 5.91 9.29
CA VAL A 460 16.99 5.34 8.18
C VAL A 460 15.70 6.07 8.11
N GLY A 461 15.40 6.60 6.92
CA GLY A 461 14.22 7.42 6.73
C GLY A 461 13.65 7.47 5.33
N TYR A 462 12.49 8.05 5.24
CA TYR A 462 11.77 8.23 3.98
C TYR A 462 11.36 9.67 3.73
N GLY A 463 11.94 10.22 2.70
CA GLY A 463 11.70 11.61 2.39
C GLY A 463 11.99 12.58 3.54
N SER A 464 13.01 12.26 4.31
CA SER A 464 13.27 12.99 5.58
C SER A 464 14.18 14.18 5.36
N GLU A 465 13.86 15.31 5.99
CA GLU A 465 14.75 16.50 5.94
C GLU A 465 16.02 16.32 6.74
N ILE A 466 16.09 15.25 7.54
CA ILE A 466 17.29 14.95 8.26
C ILE A 466 18.45 14.70 7.28
N PHE A 467 18.19 14.21 6.09
CA PHE A 467 19.30 13.93 5.19
C PHE A 467 19.70 15.13 4.30
N ARG A 468 21.00 15.34 4.05
CA ARG A 468 22.14 14.81 4.87
C ARG A 468 23.36 15.74 4.77
N GLU B 17 -31.28 -9.52 -43.98
CA GLU B 17 -30.54 -9.30 -45.27
C GLU B 17 -29.08 -9.75 -45.11
N GLU B 18 -28.17 -9.12 -45.85
CA GLU B 18 -26.73 -9.27 -45.59
C GLU B 18 -26.32 -8.38 -44.39
N LYS B 19 -27.04 -8.48 -43.27
CA LYS B 19 -26.61 -7.93 -41.96
C LYS B 19 -25.56 -8.86 -41.32
N PHE B 20 -25.68 -10.16 -41.54
CA PHE B 20 -24.66 -11.13 -41.12
C PHE B 20 -23.58 -11.17 -42.14
N ARG B 21 -22.43 -10.63 -41.78
CA ARG B 21 -21.35 -10.41 -42.74
C ARG B 21 -20.01 -10.93 -42.26
N ILE B 22 -19.19 -11.35 -43.22
CA ILE B 22 -17.79 -11.67 -42.93
C ILE B 22 -16.87 -11.05 -43.98
N GLU B 23 -15.79 -10.43 -43.50
CA GLU B 23 -14.90 -9.67 -44.34
C GLU B 23 -13.50 -9.86 -43.87
N PRO B 24 -12.64 -10.43 -44.73
CA PRO B 24 -11.20 -10.55 -44.46
C PRO B 24 -10.59 -9.19 -44.41
N VAL B 25 -9.62 -9.01 -43.50
CA VAL B 25 -8.78 -7.85 -43.51
C VAL B 25 -7.86 -8.10 -44.68
N PRO B 26 -7.88 -7.19 -45.67
CA PRO B 26 -7.26 -7.43 -46.98
C PRO B 26 -5.75 -7.38 -46.98
N VAL B 27 -5.15 -7.08 -45.83
CA VAL B 27 -3.72 -7.11 -45.70
C VAL B 27 -3.38 -8.23 -44.75
N HIS B 28 -2.56 -9.17 -45.20
CA HIS B 28 -2.23 -10.32 -44.37
C HIS B 28 -0.73 -10.48 -44.18
N HIS B 29 -0.34 -11.44 -43.35
CA HIS B 29 1.07 -11.68 -43.04
C HIS B 29 1.61 -12.82 -43.91
N GLN B 30 2.94 -12.90 -44.06
CA GLN B 30 3.59 -14.02 -44.78
C GLN B 30 3.45 -15.33 -44.04
N LEU B 31 3.33 -15.26 -42.71
CA LEU B 31 3.22 -16.46 -41.85
C LEU B 31 2.06 -16.29 -40.84
N ASP B 32 1.69 -17.35 -40.16
CA ASP B 32 0.63 -17.29 -39.16
C ASP B 32 0.74 -16.19 -38.13
N ILE B 33 -0.43 -15.69 -37.78
CA ILE B 33 -0.57 -14.63 -36.83
C ILE B 33 -0.35 -15.19 -35.42
N LEU B 34 0.41 -14.43 -34.65
CA LEU B 34 0.74 -14.83 -33.30
C LEU B 34 -0.24 -14.10 -32.40
N LYS B 35 -0.18 -12.78 -32.43
CA LYS B 35 -1.00 -11.98 -31.54
C LYS B 35 -1.84 -10.91 -32.22
N ILE B 36 -3.00 -10.63 -31.65
CA ILE B 36 -3.83 -9.54 -32.06
C ILE B 36 -4.24 -8.63 -30.89
N ALA B 37 -4.46 -7.36 -31.23
CA ALA B 37 -4.97 -6.40 -30.30
C ALA B 37 -5.93 -5.42 -31.01
N VAL B 38 -6.83 -4.88 -30.23
CA VAL B 38 -7.69 -3.80 -30.67
C VAL B 38 -7.76 -2.72 -29.58
N SER B 39 -7.84 -1.48 -29.99
CA SER B 39 -7.93 -0.41 -29.03
C SER B 39 -9.31 -0.41 -28.39
N GLU B 40 -9.37 0.12 -27.18
CA GLU B 40 -10.58 0.19 -26.34
C GLU B 40 -11.80 0.84 -27.05
N ASN B 41 -11.55 1.84 -27.89
CA ASN B 41 -12.59 2.53 -28.65
C ASN B 41 -12.84 1.88 -30.01
N TYR B 42 -12.34 0.68 -30.19
CA TYR B 42 -12.65 -0.08 -31.39
C TYR B 42 -12.21 0.56 -32.69
N LYS B 43 -11.35 1.58 -32.63
CA LYS B 43 -10.90 2.23 -33.87
C LYS B 43 -9.71 1.55 -34.57
N THR B 44 -8.82 0.96 -33.79
CA THR B 44 -7.58 0.50 -34.35
C THR B 44 -7.38 -0.98 -34.00
N PHE B 45 -6.91 -1.75 -34.96
CA PHE B 45 -6.65 -3.18 -34.79
C PHE B 45 -5.21 -3.45 -35.23
N ALA B 46 -4.57 -4.38 -34.54
CA ALA B 46 -3.16 -4.70 -34.80
C ALA B 46 -2.98 -6.20 -34.69
N SER B 47 -2.17 -6.78 -35.58
CA SER B 47 -1.89 -8.21 -35.61
C SER B 47 -0.38 -8.38 -35.75
N VAL B 48 0.17 -9.46 -35.19
CA VAL B 48 1.60 -9.67 -35.27
C VAL B 48 1.83 -11.08 -35.78
N GLY B 49 2.63 -11.22 -36.84
CA GLY B 49 2.86 -12.55 -37.45
C GLY B 49 4.04 -13.29 -36.83
N LEU B 50 4.04 -14.62 -36.85
CA LEU B 50 5.23 -15.42 -36.49
C LEU B 50 6.50 -14.94 -37.22
N ASP B 51 6.33 -14.50 -38.46
CA ASP B 51 7.40 -13.90 -39.24
C ASP B 51 7.71 -12.43 -38.85
N ARG B 52 7.34 -12.03 -37.63
CA ARG B 52 7.74 -10.72 -37.05
C ARG B 52 7.22 -9.47 -37.78
N SER B 53 6.19 -9.58 -38.62
CA SER B 53 5.62 -8.39 -39.25
C SER B 53 4.45 -7.87 -38.45
N LEU B 54 4.22 -6.56 -38.56
CA LEU B 54 3.15 -5.91 -37.86
C LEU B 54 2.24 -5.28 -38.88
N VAL B 55 0.95 -5.36 -38.63
CA VAL B 55 0.00 -4.66 -39.49
C VAL B 55 -0.95 -3.93 -38.55
N VAL B 56 -1.07 -2.62 -38.65
CA VAL B 56 -2.16 -1.97 -37.93
C VAL B 56 -3.12 -1.37 -38.90
N TRP B 57 -4.38 -1.57 -38.58
CA TRP B 57 -5.49 -1.39 -39.51
C TRP B 57 -6.51 -0.47 -38.89
N ASP B 58 -7.04 0.45 -39.69
CA ASP B 58 -8.11 1.31 -39.22
C ASP B 58 -9.47 0.64 -39.48
N LEU B 59 -10.16 0.27 -38.41
CA LEU B 59 -11.45 -0.39 -38.54
C LEU B 59 -12.52 0.56 -39.14
N ARG B 60 -12.32 1.87 -39.04
CA ARG B 60 -13.36 2.84 -39.45
C ARG B 60 -13.12 3.35 -40.87
N GLN B 61 -11.88 3.69 -41.17
CA GLN B 61 -11.51 4.11 -42.51
C GLN B 61 -11.34 2.91 -43.43
N TRP B 62 -11.08 1.72 -42.86
CA TRP B 62 -10.83 0.53 -43.65
C TRP B 62 -9.64 0.66 -44.56
N CYS B 63 -8.47 0.90 -43.96
CA CYS B 63 -7.24 1.05 -44.71
C CYS B 63 -6.15 0.81 -43.71
N THR B 64 -4.95 0.47 -44.16
CA THR B 64 -3.84 0.24 -43.23
C THR B 64 -3.35 1.54 -42.70
N LYS B 65 -2.92 1.53 -41.44
CA LYS B 65 -2.25 2.68 -40.87
C LYS B 65 -0.76 2.47 -40.82
N LEU B 66 -0.33 1.22 -40.65
CA LEU B 66 1.07 0.95 -40.44
C LEU B 66 1.33 -0.47 -40.84
N VAL B 67 2.35 -0.68 -41.67
CA VAL B 67 2.84 -2.02 -41.97
C VAL B 67 4.35 -2.03 -41.75
N LEU B 68 4.84 -2.98 -40.95
CA LEU B 68 6.27 -3.20 -40.73
C LEU B 68 6.58 -4.65 -40.99
N SER B 69 7.63 -4.92 -41.77
CA SER B 69 7.99 -6.31 -42.16
C SER B 69 9.04 -6.90 -41.24
N LYS B 70 9.18 -8.24 -41.28
CA LYS B 70 10.17 -8.98 -40.48
C LYS B 70 11.45 -8.19 -40.26
N GLU B 71 11.94 -7.59 -41.34
CA GLU B 71 13.13 -6.75 -41.31
C GLU B 71 12.97 -5.62 -40.31
N GLN B 72 11.91 -4.82 -40.48
CA GLN B 72 11.71 -3.54 -39.74
C GLN B 72 11.36 -3.66 -38.24
N MET B 73 11.35 -4.88 -37.70
CA MET B 73 10.84 -5.16 -36.36
C MET B 73 11.89 -5.81 -35.48
N PRO B 74 11.74 -5.70 -34.17
CA PRO B 74 12.59 -6.48 -33.31
C PRO B 74 12.48 -7.92 -33.66
N ARG B 75 13.56 -8.64 -33.45
CA ARG B 75 13.59 -10.06 -33.69
C ARG B 75 12.83 -10.80 -32.58
N THR B 76 12.64 -10.16 -31.42
CA THR B 76 11.84 -10.74 -30.34
C THR B 76 10.61 -9.84 -30.08
N LEU B 77 9.51 -10.46 -29.69
CA LEU B 77 8.28 -9.76 -29.36
C LEU B 77 7.62 -10.40 -28.14
N LYS B 78 7.49 -9.65 -27.05
CA LYS B 78 6.86 -10.08 -25.80
C LYS B 78 5.45 -9.55 -25.59
N ALA B 79 5.15 -8.38 -26.12
CA ALA B 79 3.83 -7.76 -25.88
C ALA B 79 3.58 -6.66 -26.85
N ILE B 80 2.30 -6.39 -27.06
CA ILE B 80 1.86 -5.26 -27.84
C ILE B 80 0.57 -4.71 -27.22
N ALA B 81 0.38 -3.41 -27.28
CA ALA B 81 -0.86 -2.84 -26.77
C ALA B 81 -1.04 -1.51 -27.42
N LEU B 82 -2.28 -1.08 -27.48
CA LEU B 82 -2.70 0.21 -28.02
C LEU B 82 -3.25 1.06 -26.88
N ASP B 83 -3.04 2.36 -26.97
CA ASP B 83 -3.74 3.28 -26.10
C ASP B 83 -5.27 3.19 -26.38
N PRO B 84 -6.06 3.54 -25.40
CA PRO B 84 -7.50 3.46 -25.58
C PRO B 84 -8.05 4.10 -26.88
N GLN B 85 -7.41 5.16 -27.40
CA GLN B 85 -7.93 5.87 -28.58
C GLN B 85 -7.47 5.25 -29.88
N GLY B 86 -6.49 4.35 -29.81
CA GLY B 86 -5.99 3.73 -31.04
C GLY B 86 -5.10 4.61 -31.90
N ASN B 87 -4.45 5.60 -31.28
CA ASN B 87 -3.44 6.40 -31.99
C ASN B 87 -1.97 5.92 -31.83
N TYR B 88 -1.69 5.25 -30.70
CA TYR B 88 -0.36 4.76 -30.37
C TYR B 88 -0.31 3.24 -30.04
N VAL B 89 0.78 2.60 -30.46
CA VAL B 89 1.09 1.21 -30.14
C VAL B 89 2.36 1.20 -29.33
N SER B 90 2.40 0.37 -28.29
CA SER B 90 3.62 0.08 -27.56
C SER B 90 3.98 -1.34 -27.89
N LEU B 91 5.20 -1.52 -28.37
CA LEU B 91 5.75 -2.80 -28.71
C LEU B 91 6.89 -3.18 -27.78
N PHE B 92 6.82 -4.38 -27.23
CA PHE B 92 7.81 -4.83 -26.28
C PHE B 92 8.55 -6.01 -26.84
N SER B 93 9.86 -5.82 -27.02
CA SER B 93 10.79 -6.92 -27.32
C SER B 93 11.30 -7.55 -26.02
N LYS B 94 12.27 -8.44 -26.12
CA LYS B 94 12.84 -9.06 -24.93
C LYS B 94 13.51 -8.00 -24.03
N ASP B 95 13.93 -6.87 -24.61
CA ASP B 95 14.77 -5.86 -23.92
C ASP B 95 14.45 -4.38 -24.21
N THR B 96 13.65 -4.10 -25.23
CA THR B 96 13.29 -2.71 -25.57
C THR B 96 11.77 -2.47 -25.74
N LEU B 97 11.33 -1.29 -25.35
CA LEU B 97 9.99 -0.88 -25.64
C LEU B 97 9.97 0.25 -26.66
N PHE B 98 8.99 0.19 -27.56
CA PHE B 98 8.92 1.10 -28.65
C PHE B 98 7.54 1.68 -28.62
N ILE B 99 7.46 3.01 -28.71
CA ILE B 99 6.18 3.69 -28.78
C ILE B 99 6.10 4.25 -30.18
N LEU B 100 5.05 3.84 -30.89
CA LEU B 100 4.75 4.30 -32.24
C LEU B 100 3.46 5.10 -32.28
N ASN B 101 3.54 6.25 -32.94
CA ASN B 101 2.39 6.98 -33.35
C ASN B 101 1.89 6.29 -34.62
N VAL B 102 0.62 5.94 -34.60
CA VAL B 102 0.02 5.14 -35.63
C VAL B 102 -0.91 6.03 -36.49
N GLU B 103 -1.25 7.20 -35.96
CA GLU B 103 -2.04 8.22 -36.68
C GLU B 103 -1.17 8.94 -37.68
N SER B 104 0.10 9.15 -37.32
CA SER B 104 1.10 9.74 -38.22
C SER B 104 2.33 8.91 -38.14
N PRO B 105 2.42 7.88 -38.98
CA PRO B 105 3.40 6.84 -38.70
C PRO B 105 4.74 7.45 -38.27
N SER B 106 5.23 7.01 -37.12
CA SER B 106 6.57 7.35 -36.65
C SER B 106 6.86 6.63 -35.31
N LEU B 107 8.13 6.30 -35.12
CA LEU B 107 8.63 5.82 -33.86
C LEU B 107 8.72 7.07 -32.98
N MET B 108 7.99 7.11 -31.87
CA MET B 108 8.05 8.26 -30.98
C MET B 108 9.20 8.10 -30.00
N LEU B 109 9.56 6.86 -29.66
CA LEU B 109 10.34 6.63 -28.45
C LEU B 109 10.77 5.18 -28.35
N GLN B 110 11.94 4.99 -27.76
CA GLN B 110 12.57 3.68 -27.63
C GLN B 110 13.30 3.66 -26.27
N HIS B 111 13.02 2.66 -25.43
CA HIS B 111 13.54 2.65 -24.10
C HIS B 111 13.77 1.21 -23.63
N SER B 112 14.92 0.99 -22.97
CA SER B 112 15.32 -0.28 -22.39
C SER B 112 14.38 -0.61 -21.29
N TYR B 113 14.07 -1.87 -21.09
CA TYR B 113 13.29 -2.20 -19.89
C TYR B 113 13.68 -3.59 -19.28
N HIS B 114 13.85 -3.60 -17.96
CA HIS B 114 14.19 -4.81 -17.22
C HIS B 114 12.94 -5.71 -17.10
N SER B 115 13.04 -6.88 -17.72
CA SER B 115 12.08 -7.98 -17.59
C SER B 115 12.87 -9.08 -16.88
N LYS B 116 12.23 -10.17 -16.45
CA LYS B 116 13.00 -11.28 -15.91
C LYS B 116 12.87 -12.49 -16.82
N PRO B 117 12.84 -12.30 -18.15
CA PRO B 117 12.56 -13.46 -19.01
C PRO B 117 13.45 -14.62 -18.60
N ASN B 118 12.94 -15.83 -18.45
CA ASN B 118 11.57 -16.20 -18.81
C ASN B 118 10.53 -15.50 -17.93
N SER B 119 9.50 -14.93 -18.58
CA SER B 119 8.46 -14.10 -17.92
C SER B 119 7.40 -13.66 -18.96
N LYS B 120 6.11 -13.71 -18.62
CA LYS B 120 5.08 -13.25 -19.58
C LYS B 120 4.61 -11.86 -19.19
N LEU B 121 4.38 -11.02 -20.20
CA LEU B 121 4.06 -9.61 -20.01
C LEU B 121 2.66 -9.27 -20.38
N ASN B 122 2.04 -8.42 -19.58
CA ASN B 122 0.80 -7.81 -19.91
C ASN B 122 0.96 -6.29 -19.80
N VAL B 123 0.53 -5.54 -20.81
CA VAL B 123 0.84 -4.11 -20.83
C VAL B 123 -0.45 -3.36 -20.99
N PHE B 124 -0.63 -2.33 -20.18
CA PHE B 124 -1.88 -1.58 -20.17
C PHE B 124 -1.56 -0.11 -20.25
N TRP B 125 -2.30 0.58 -21.10
CA TRP B 125 -2.19 2.03 -21.19
C TRP B 125 -3.27 2.62 -20.31
N MET B 126 -2.88 3.40 -19.32
CA MET B 126 -3.86 4.06 -18.47
C MET B 126 -3.76 5.58 -18.56
N PRO B 127 -4.91 6.25 -18.78
CA PRO B 127 -5.02 7.72 -18.93
C PRO B 127 -4.53 8.44 -17.71
N GLY B 128 -3.38 9.10 -17.82
CA GLY B 128 -2.77 9.83 -16.71
C GLY B 128 -3.36 11.24 -16.66
N THR B 129 -2.59 12.19 -16.13
CA THR B 129 -3.07 13.56 -16.05
C THR B 129 -2.88 14.32 -17.38
N HIS B 130 -3.96 14.46 -18.14
CA HIS B 130 -3.89 15.06 -19.46
C HIS B 130 -5.06 16.03 -19.76
N LYS B 131 -4.83 16.93 -20.71
CA LYS B 131 -5.79 17.97 -21.09
C LYS B 131 -5.21 18.85 -22.23
N ASP B 132 -5.28 18.39 -23.48
CA ASP B 132 -5.75 17.06 -23.83
C ASP B 132 -5.28 16.74 -25.25
N ASP B 133 -5.79 17.50 -26.20
CA ASP B 133 -5.50 17.28 -27.61
C ASP B 133 -4.01 17.55 -27.84
N GLU B 134 -3.52 18.64 -27.25
CA GLU B 134 -2.20 19.20 -27.55
C GLU B 134 -1.08 18.45 -26.85
N TRP B 135 -1.36 17.92 -25.66
CA TRP B 135 -0.38 17.11 -24.93
C TRP B 135 -1.09 15.96 -24.19
N LYS B 136 -0.45 14.79 -24.16
CA LYS B 136 -1.06 13.63 -23.51
C LYS B 136 -0.10 12.98 -22.53
N ASN B 137 -0.61 12.68 -21.35
CA ASN B 137 0.14 11.92 -20.36
C ASN B 137 -0.54 10.55 -20.09
N PHE B 138 0.24 9.48 -20.03
CA PHE B 138 -0.28 8.14 -19.77
C PHE B 138 0.53 7.51 -18.69
N GLU B 139 -0.06 6.56 -17.98
CA GLU B 139 0.77 5.60 -17.27
C GLU B 139 0.73 4.29 -18.06
N LEU B 140 1.92 3.78 -18.39
CA LEU B 140 2.08 2.51 -19.06
C LEU B 140 2.45 1.48 -17.98
N VAL B 141 1.54 0.57 -17.72
CA VAL B 141 1.69 -0.40 -16.67
C VAL B 141 2.10 -1.72 -17.30
N VAL B 142 3.20 -2.28 -16.85
CA VAL B 142 3.70 -3.58 -17.36
C VAL B 142 3.62 -4.58 -16.22
N VAL B 143 2.88 -5.67 -16.40
CA VAL B 143 2.76 -6.68 -15.37
C VAL B 143 3.42 -7.95 -15.84
N GLU B 144 4.34 -8.46 -15.03
CA GLU B 144 5.10 -9.68 -15.33
C GLU B 144 4.53 -10.85 -14.57
N SER B 145 4.55 -12.03 -15.20
CA SER B 145 4.09 -13.28 -14.57
C SER B 145 4.89 -13.63 -13.30
N SER B 146 6.14 -13.16 -13.24
CA SER B 146 6.98 -13.17 -12.02
C SER B 146 6.34 -12.49 -10.80
N GLY B 147 5.37 -11.62 -11.01
CA GLY B 147 4.73 -10.96 -9.86
C GLY B 147 5.18 -9.51 -9.77
N GLU B 148 6.14 -9.12 -10.60
CA GLU B 148 6.58 -7.73 -10.73
C GLU B 148 5.66 -6.87 -11.59
N ILE B 149 5.39 -5.65 -11.15
CA ILE B 149 4.58 -4.68 -11.87
C ILE B 149 5.40 -3.41 -11.99
N GLN B 150 5.59 -2.90 -13.21
CA GLN B 150 6.24 -1.60 -13.33
C GLN B 150 5.29 -0.59 -13.87
N VAL B 151 5.36 0.63 -13.34
CA VAL B 151 4.59 1.73 -13.94
C VAL B 151 5.49 2.84 -14.46
N PHE B 152 5.31 3.10 -15.74
CA PHE B 152 6.06 4.12 -16.43
C PHE B 152 5.12 5.31 -16.63
N SER B 153 5.68 6.49 -16.47
CA SER B 153 4.98 7.73 -16.80
C SER B 153 5.45 8.14 -18.21
N LEU B 154 4.48 8.30 -19.12
CA LEU B 154 4.78 8.46 -20.52
C LEU B 154 4.08 9.72 -20.96
N THR B 155 4.87 10.64 -21.53
CA THR B 155 4.36 11.96 -21.97
C THR B 155 4.49 12.13 -23.47
N ILE B 156 3.40 12.46 -24.14
CA ILE B 156 3.44 12.53 -25.60
C ILE B 156 3.03 13.94 -26.05
N GLU B 157 3.89 14.57 -26.85
CA GLU B 157 3.59 15.86 -27.48
C GLU B 157 3.81 15.67 -28.97
N ILE B 158 3.37 16.65 -29.77
CA ILE B 158 3.49 16.55 -31.24
C ILE B 158 4.94 16.28 -31.67
N GLU B 159 5.86 17.05 -31.09
CA GLU B 159 7.30 16.95 -31.35
C GLU B 159 7.83 15.56 -31.02
N GLY B 160 7.49 15.07 -29.83
CA GLY B 160 7.91 13.73 -29.43
C GLY B 160 7.37 13.24 -28.09
N ALA B 161 8.02 12.19 -27.59
CA ALA B 161 7.63 11.51 -26.35
C ALA B 161 8.80 11.37 -25.35
N ASP B 162 8.48 11.36 -24.05
CA ASP B 162 9.42 11.05 -22.97
C ASP B 162 8.80 9.97 -22.07
N ILE B 163 9.65 9.17 -21.43
CA ILE B 163 9.18 8.15 -20.54
C ILE B 163 10.08 8.01 -19.31
N ALA B 164 9.50 7.64 -18.17
CA ALA B 164 10.33 7.33 -17.00
C ALA B 164 9.68 6.32 -16.08
N LEU B 165 10.48 5.44 -15.50
CA LEU B 165 10.00 4.51 -14.50
C LEU B 165 9.58 5.32 -13.26
N VAL B 166 8.34 5.20 -12.81
CA VAL B 166 7.95 5.91 -11.58
C VAL B 166 7.74 4.98 -10.42
N GLU B 167 7.30 3.75 -10.66
CA GLU B 167 6.95 2.81 -9.57
C GLU B 167 7.16 1.36 -9.97
N LYS B 168 7.46 0.54 -8.97
CA LYS B 168 7.48 -0.94 -9.15
C LYS B 168 6.92 -1.67 -7.92
N PHE B 169 6.03 -2.61 -8.14
CA PHE B 169 5.53 -3.42 -7.07
C PHE B 169 6.01 -4.84 -7.32
N GLN B 170 5.85 -5.66 -6.29
CA GLN B 170 6.17 -7.07 -6.35
C GLN B 170 5.08 -7.75 -5.56
N LEU B 171 4.32 -8.62 -6.19
CA LEU B 171 3.38 -9.41 -5.42
C LEU B 171 4.13 -10.57 -4.75
N SER B 172 3.49 -11.15 -3.73
CA SER B 172 4.06 -12.30 -2.96
C SER B 172 4.14 -13.60 -3.77
N SER B 173 3.61 -13.59 -5.00
CA SER B 173 3.30 -14.79 -5.74
C SER B 173 3.24 -14.50 -7.25
N PRO B 174 3.52 -15.50 -8.10
CA PRO B 174 3.43 -15.20 -9.53
C PRO B 174 1.98 -14.93 -9.95
N ILE B 175 1.85 -14.21 -11.05
CA ILE B 175 0.57 -13.71 -11.47
C ILE B 175 0.08 -14.56 -12.64
N ILE B 176 -1.12 -15.11 -12.42
CA ILE B 176 -1.88 -15.87 -13.39
C ILE B 176 -2.62 -15.00 -14.41
N LYS B 177 -3.24 -13.91 -13.94
CA LYS B 177 -4.07 -13.07 -14.77
C LYS B 177 -4.01 -11.66 -14.19
N SER B 178 -3.93 -10.68 -15.07
CA SER B 178 -4.06 -9.29 -14.62
C SER B 178 -4.98 -8.56 -15.57
N ILE B 179 -5.73 -7.62 -15.05
CA ILE B 179 -6.59 -6.80 -15.88
C ILE B 179 -6.48 -5.31 -15.44
N SER B 180 -6.81 -4.42 -16.38
CA SER B 180 -6.85 -3.01 -16.07
C SER B 180 -8.26 -2.57 -15.94
N ILE B 181 -8.49 -1.68 -15.02
CA ILE B 181 -9.82 -1.14 -14.79
C ILE B 181 -9.64 0.40 -14.71
N VAL B 182 -10.01 1.07 -15.78
CA VAL B 182 -9.98 2.53 -15.86
C VAL B 182 -11.36 3.05 -15.47
N SER B 183 -11.58 3.24 -14.19
CA SER B 183 -12.94 3.55 -13.74
C SER B 183 -13.21 5.06 -13.73
N PRO B 184 -14.46 5.44 -13.52
CA PRO B 184 -14.78 6.87 -13.44
C PRO B 184 -14.11 7.50 -12.22
N THR B 185 -13.82 6.67 -11.22
CA THR B 185 -13.20 7.03 -9.96
C THR B 185 -11.68 6.87 -9.93
N ALA B 186 -11.15 5.81 -10.51
CA ALA B 186 -9.73 5.60 -10.38
C ALA B 186 -9.21 4.71 -11.47
N ASN B 187 -7.90 4.77 -11.66
CA ASN B 187 -7.20 3.79 -12.42
C ASN B 187 -6.91 2.59 -11.50
N ARG B 188 -7.14 1.38 -11.98
CA ARG B 188 -6.89 0.21 -11.16
C ARG B 188 -6.24 -0.92 -11.97
N ILE B 189 -5.44 -1.72 -11.29
CA ILE B 189 -4.83 -2.89 -11.89
C ILE B 189 -5.13 -4.00 -10.90
N ALA B 190 -5.76 -5.07 -11.38
CA ALA B 190 -6.16 -6.15 -10.52
C ALA B 190 -5.43 -7.37 -10.99
N SER B 191 -4.98 -8.19 -10.04
CA SER B 191 -4.16 -9.36 -10.37
C SER B 191 -4.62 -10.60 -9.53
N LEU B 192 -4.57 -11.74 -10.17
CA LEU B 192 -4.87 -13.04 -9.58
C LEU B 192 -3.58 -13.79 -9.55
N THR B 193 -3.15 -14.21 -8.35
CA THR B 193 -1.83 -14.86 -8.23
C THR B 193 -2.01 -16.36 -8.01
N GLU B 194 -0.95 -17.12 -8.29
CA GLU B 194 -0.93 -18.58 -7.98
C GLU B 194 -1.40 -18.89 -6.57
N SER B 195 -1.03 -18.05 -5.62
CA SER B 195 -1.49 -18.20 -4.24
C SER B 195 -3.01 -18.03 -4.00
N GLY B 196 -3.82 -17.88 -5.06
CA GLY B 196 -5.27 -17.71 -4.88
C GLY B 196 -5.70 -16.33 -4.44
N GLU B 197 -4.80 -15.34 -4.41
CA GLU B 197 -5.17 -13.98 -4.02
C GLU B 197 -5.47 -13.02 -5.23
N VAL B 198 -6.41 -12.11 -5.00
CA VAL B 198 -6.71 -11.01 -5.88
C VAL B 198 -6.36 -9.69 -5.22
N THR B 199 -5.33 -9.06 -5.77
CA THR B 199 -4.87 -7.76 -5.36
C THR B 199 -5.21 -6.73 -6.36
N VAL B 200 -5.89 -5.72 -5.87
CA VAL B 200 -6.17 -4.57 -6.64
C VAL B 200 -5.28 -3.40 -6.21
N TYR B 201 -4.36 -2.98 -7.09
CA TYR B 201 -3.69 -1.68 -6.98
C TYR B 201 -4.50 -0.53 -7.62
N SER B 202 -4.86 0.45 -6.79
CA SER B 202 -5.56 1.65 -7.22
C SER B 202 -4.84 2.98 -7.07
N LYS B 203 -4.98 3.83 -8.07
CA LYS B 203 -4.36 5.14 -8.04
C LYS B 203 -5.32 6.18 -7.45
N LYS B 204 -5.01 6.55 -6.22
CA LYS B 204 -5.63 7.64 -5.49
C LYS B 204 -4.60 8.74 -5.42
N GLY B 205 -4.89 9.85 -6.08
CA GLY B 205 -3.97 10.98 -6.11
C GLY B 205 -2.70 10.59 -6.84
N PRO B 206 -1.54 10.91 -6.27
CA PRO B 206 -0.27 10.39 -6.80
C PRO B 206 0.13 9.03 -6.18
N VAL B 207 -0.78 8.39 -5.46
CA VAL B 207 -0.42 7.14 -4.78
C VAL B 207 -1.13 5.92 -5.37
N TRP B 208 -0.36 4.96 -5.83
CA TRP B 208 -0.86 3.60 -6.07
C TRP B 208 -0.95 2.89 -4.73
N SER B 209 -2.10 2.31 -4.38
CA SER B 209 -2.19 1.49 -3.13
C SER B 209 -2.93 0.14 -3.29
N PRO B 210 -2.44 -0.93 -2.63
CA PRO B 210 -3.11 -2.24 -2.82
C PRO B 210 -4.22 -2.54 -1.86
N LYS B 211 -5.23 -3.29 -2.32
CA LYS B 211 -6.19 -3.96 -1.41
C LYS B 211 -6.40 -5.42 -1.83
N ILE B 212 -6.56 -6.33 -0.88
CA ILE B 212 -6.81 -7.73 -1.25
C ILE B 212 -8.32 -7.91 -1.22
N LEU B 213 -8.84 -8.55 -2.26
CA LEU B 213 -10.27 -8.77 -2.33
C LEU B 213 -10.54 -10.13 -1.75
N SER B 214 -11.72 -10.26 -1.16
CA SER B 214 -12.22 -11.56 -0.81
C SER B 214 -13.45 -11.91 -1.65
N GLN B 215 -13.58 -13.20 -1.89
CA GLN B 215 -14.74 -13.79 -2.55
C GLN B 215 -15.86 -13.98 -1.52
N ASN B 216 -17.01 -14.47 -1.95
CA ASN B 216 -18.17 -14.64 -1.10
C ASN B 216 -17.74 -15.45 0.17
N LYS B 217 -18.04 -14.93 1.34
CA LYS B 217 -17.46 -15.56 2.54
C LYS B 217 -18.07 -16.92 2.88
N ASN B 218 -19.18 -17.27 2.26
CA ASN B 218 -19.67 -18.63 2.41
C ASN B 218 -18.92 -19.64 1.54
N TYR B 219 -18.02 -19.17 0.69
CA TYR B 219 -17.31 -20.10 -0.23
C TYR B 219 -15.82 -19.85 -0.23
N LEU B 220 -15.28 -19.54 0.95
CA LEU B 220 -13.89 -19.17 1.10
C LEU B 220 -12.83 -20.22 0.78
N THR B 221 -13.21 -21.48 0.72
CA THR B 221 -12.24 -22.54 0.43
C THR B 221 -12.27 -22.95 -1.05
N GLU B 222 -13.14 -22.33 -1.83
CA GLU B 222 -13.06 -22.57 -3.28
C GLU B 222 -11.82 -21.96 -3.90
N THR B 223 -11.31 -22.65 -4.93
CA THR B 223 -10.19 -22.13 -5.72
C THR B 223 -10.67 -20.95 -6.61
N LYS B 224 -9.95 -19.85 -6.65
CA LYS B 224 -10.25 -18.73 -7.54
C LYS B 224 -9.75 -19.10 -8.97
N LYS B 225 -10.55 -18.82 -9.96
CA LYS B 225 -10.24 -19.26 -11.32
C LYS B 225 -9.93 -18.11 -12.29
N ASP B 226 -10.54 -16.96 -12.10
CA ASP B 226 -10.31 -15.86 -13.01
C ASP B 226 -10.84 -14.56 -12.46
N ILE B 227 -10.47 -13.50 -13.14
CA ILE B 227 -11.02 -12.21 -12.88
C ILE B 227 -11.29 -11.45 -14.15
N TYR B 228 -12.29 -10.57 -14.10
CA TYR B 228 -12.72 -9.83 -15.29
C TYR B 228 -13.40 -8.53 -14.83
N GLY B 229 -13.10 -7.43 -15.44
CA GLY B 229 -13.63 -6.14 -15.00
C GLY B 229 -14.58 -5.51 -15.98
N ILE B 230 -15.53 -4.72 -15.46
CA ILE B 230 -16.30 -3.82 -16.32
C ILE B 230 -15.95 -2.45 -15.80
N ALA B 231 -15.06 -1.80 -16.52
CA ALA B 231 -14.36 -0.61 -16.02
C ALA B 231 -15.33 0.55 -15.75
N MET B 232 -16.25 0.77 -16.69
CA MET B 232 -17.14 1.92 -16.47
C MET B 232 -18.12 1.77 -15.31
N ALA B 233 -18.42 0.54 -14.91
CA ALA B 233 -19.27 0.32 -13.80
C ALA B 233 -18.45 0.21 -12.50
N ASP B 234 -17.12 0.13 -12.62
CA ASP B 234 -16.21 -0.11 -11.45
C ASP B 234 -16.51 -1.44 -10.70
N ILE B 235 -16.67 -2.49 -11.51
CA ILE B 235 -16.99 -3.79 -10.99
C ILE B 235 -15.94 -4.79 -11.42
N LEU B 236 -15.63 -5.73 -10.52
CA LEU B 236 -14.80 -6.84 -10.82
C LEU B 236 -15.57 -8.13 -10.57
N PHE B 237 -15.47 -9.04 -11.54
CA PHE B 237 -16.08 -10.35 -11.44
C PHE B 237 -15.00 -11.34 -11.08
N LEU B 238 -15.25 -12.10 -10.02
CA LEU B 238 -14.28 -13.01 -9.47
C LEU B 238 -14.90 -14.39 -9.62
N ALA B 239 -14.30 -15.18 -10.52
CA ALA B 239 -14.80 -16.51 -10.84
C ALA B 239 -14.14 -17.51 -9.91
N ARG B 240 -14.96 -18.37 -9.35
CA ARG B 240 -14.49 -19.46 -8.46
C ARG B 240 -15.15 -20.76 -8.89
N ASP B 241 -15.40 -21.70 -8.00
CA ASP B 241 -15.78 -23.06 -8.46
C ASP B 241 -17.26 -23.39 -8.48
N SER B 242 -18.08 -22.68 -7.71
CA SER B 242 -19.52 -22.82 -7.85
C SER B 242 -20.15 -21.47 -8.17
N GLY B 243 -19.37 -20.52 -8.64
CA GLY B 243 -20.00 -19.20 -8.97
C GLY B 243 -19.02 -18.11 -9.32
N VAL B 244 -19.56 -16.90 -9.55
CA VAL B 244 -18.81 -15.71 -9.83
C VAL B 244 -19.37 -14.64 -8.88
N ASP B 245 -18.47 -13.93 -8.22
CA ASP B 245 -18.84 -12.85 -7.26
C ASP B 245 -18.64 -11.54 -8.02
N MET B 246 -19.68 -10.75 -8.00
CA MET B 246 -19.62 -9.43 -8.61
C MET B 246 -19.35 -8.40 -7.52
N ILE B 247 -18.20 -7.76 -7.61
CA ILE B 247 -17.71 -6.88 -6.55
C ILE B 247 -17.61 -5.41 -6.99
N ASP B 248 -18.21 -4.53 -6.21
CA ASP B 248 -18.02 -3.10 -6.43
C ASP B 248 -16.66 -2.63 -5.91
N LEU B 249 -15.81 -2.12 -6.78
CA LEU B 249 -14.43 -1.76 -6.39
C LEU B 249 -14.37 -0.40 -5.65
N LYS B 250 -15.43 0.39 -5.77
CA LYS B 250 -15.45 1.77 -5.31
C LYS B 250 -15.67 1.75 -3.81
N ASN B 251 -16.73 1.12 -3.39
CA ASN B 251 -17.01 0.99 -1.96
C ASN B 251 -16.56 -0.39 -1.46
N ASP B 252 -15.89 -1.17 -2.30
CA ASP B 252 -15.46 -2.56 -1.96
C ASP B 252 -16.49 -3.56 -1.37
N GLU B 253 -17.61 -3.72 -2.04
CA GLU B 253 -18.72 -4.49 -1.54
C GLU B 253 -19.11 -5.61 -2.50
N LEU B 254 -19.45 -6.77 -1.95
CA LEU B 254 -20.02 -7.84 -2.74
C LEU B 254 -21.44 -7.49 -3.13
N LEU B 255 -21.72 -7.44 -4.43
CA LEU B 255 -23.07 -7.05 -4.86
C LEU B 255 -23.94 -8.27 -5.09
N HIS B 256 -23.42 -9.30 -5.76
CA HIS B 256 -24.19 -10.48 -6.07
C HIS B 256 -23.27 -11.63 -6.35
N SER B 257 -23.73 -12.85 -6.09
CA SER B 257 -22.99 -14.05 -6.48
C SER B 257 -23.84 -14.81 -7.42
N PHE B 258 -23.37 -15.06 -8.64
CA PHE B 258 -24.09 -15.86 -9.61
C PHE B 258 -23.67 -17.30 -9.38
N THR B 259 -24.61 -18.20 -9.51
CA THR B 259 -24.33 -19.58 -9.36
C THR B 259 -23.93 -20.14 -10.73
N LEU B 260 -22.74 -20.71 -10.83
CA LEU B 260 -22.22 -21.27 -12.08
C LEU B 260 -21.53 -22.58 -11.83
N PRO B 261 -21.30 -23.35 -12.92
CA PRO B 261 -20.45 -24.53 -12.79
C PRO B 261 -19.00 -24.18 -12.68
N PRO B 262 -18.15 -25.16 -12.40
CA PRO B 262 -16.74 -24.90 -12.30
C PRO B 262 -16.15 -24.36 -13.59
N ILE B 263 -15.24 -23.42 -13.42
CA ILE B 263 -14.68 -22.61 -14.49
C ILE B 263 -13.21 -22.89 -14.62
N LYS B 264 -12.79 -23.13 -15.86
CA LYS B 264 -11.43 -23.41 -16.10
C LYS B 264 -10.62 -22.15 -15.99
N VAL B 265 -9.44 -22.24 -15.36
CA VAL B 265 -8.64 -21.09 -15.07
C VAL B 265 -8.37 -20.26 -16.32
N ASN B 266 -8.48 -18.93 -16.18
CA ASN B 266 -8.12 -18.02 -17.27
C ASN B 266 -8.97 -18.13 -18.55
N THR B 267 -10.24 -18.53 -18.45
CA THR B 267 -11.10 -18.71 -19.66
C THR B 267 -12.41 -17.89 -19.61
N PHE B 268 -12.49 -16.93 -18.66
CA PHE B 268 -13.74 -16.34 -18.22
C PHE B 268 -13.77 -14.95 -18.76
N SER B 269 -14.91 -14.53 -19.26
CA SER B 269 -15.13 -13.10 -19.60
C SER B 269 -16.60 -12.77 -19.50
N VAL B 270 -16.88 -11.47 -19.55
CA VAL B 270 -18.20 -10.97 -19.32
C VAL B 270 -18.51 -9.88 -20.33
N GLY B 271 -19.78 -9.80 -20.74
CA GLY B 271 -20.30 -8.61 -21.45
C GLY B 271 -21.64 -8.23 -20.90
N VAL B 272 -21.96 -6.95 -20.96
CA VAL B 272 -23.27 -6.45 -20.61
C VAL B 272 -23.82 -5.53 -21.70
N SER B 273 -25.14 -5.50 -21.84
CA SER B 273 -25.74 -4.73 -22.92
C SER B 273 -26.51 -3.49 -22.45
N ASN B 274 -26.52 -2.52 -23.36
CA ASN B 274 -27.23 -1.24 -23.15
C ASN B 274 -26.90 -0.54 -21.83
N SER B 275 -25.61 -0.33 -21.58
CA SER B 275 -25.20 0.26 -20.34
C SER B 275 -25.74 1.69 -20.32
N ARG B 276 -26.32 2.12 -19.21
CA ARG B 276 -26.56 3.56 -19.05
C ARG B 276 -26.46 3.87 -17.57
N PHE B 277 -26.26 5.14 -17.27
CA PHE B 277 -26.07 5.55 -15.89
C PHE B 277 -27.15 6.59 -15.65
N VAL B 278 -28.05 6.28 -14.75
CA VAL B 278 -29.28 7.05 -14.56
C VAL B 278 -29.52 7.05 -13.08
N ASN B 279 -29.69 8.23 -12.50
CA ASN B 279 -30.08 8.36 -11.08
C ASN B 279 -29.12 7.63 -10.13
N GLY B 280 -27.82 7.71 -10.43
CA GLY B 280 -26.80 7.13 -9.55
C GLY B 280 -26.60 5.62 -9.75
N GLN B 281 -27.30 5.07 -10.72
CA GLN B 281 -27.37 3.63 -10.97
C GLN B 281 -26.73 3.25 -12.30
N PHE B 282 -25.80 2.28 -12.28
CA PHE B 282 -25.30 1.67 -13.48
C PHE B 282 -26.27 0.54 -13.90
N ARG B 283 -27.00 0.80 -14.98
CA ARG B 283 -28.05 -0.08 -15.45
C ARG B 283 -27.64 -0.75 -16.74
N VAL B 284 -27.98 -2.03 -16.87
CA VAL B 284 -27.81 -2.75 -18.13
C VAL B 284 -29.05 -3.55 -18.53
N SER B 285 -29.23 -3.92 -19.78
CA SER B 285 -30.46 -4.72 -20.06
C SER B 285 -30.13 -6.19 -19.90
N SER B 286 -28.86 -6.55 -19.96
CA SER B 286 -28.49 -8.00 -19.78
C SER B 286 -27.06 -8.23 -19.43
N ILE B 287 -26.73 -9.43 -18.98
CA ILE B 287 -25.33 -9.72 -18.72
C ILE B 287 -25.02 -11.12 -19.27
N SER B 288 -23.83 -11.27 -19.81
CA SER B 288 -23.37 -12.54 -20.34
C SER B 288 -22.07 -12.99 -19.81
N PHE B 289 -21.95 -14.29 -19.56
CA PHE B 289 -20.69 -14.89 -19.17
C PHE B 289 -20.25 -15.92 -20.22
N CYS B 290 -18.96 -15.94 -20.47
CA CYS B 290 -18.37 -16.87 -21.37
C CYS B 290 -17.24 -17.52 -20.61
N PHE B 291 -17.17 -18.85 -20.70
CA PHE B 291 -16.14 -19.59 -20.01
C PHE B 291 -16.02 -21.03 -20.52
N THR B 292 -14.90 -21.64 -20.20
CA THR B 292 -14.68 -23.06 -20.44
C THR B 292 -15.00 -23.85 -19.17
N HIS B 293 -15.84 -24.83 -19.31
CA HIS B 293 -16.26 -25.67 -18.25
C HIS B 293 -15.05 -26.46 -17.79
N ALA B 294 -14.74 -26.31 -16.49
CA ALA B 294 -13.60 -27.04 -15.90
C ALA B 294 -13.73 -28.55 -16.00
N VAL B 295 -14.97 -29.11 -16.07
CA VAL B 295 -15.15 -30.58 -16.16
C VAL B 295 -15.11 -31.18 -17.61
N THR B 296 -16.01 -30.71 -18.47
CA THR B 296 -16.18 -31.17 -19.84
C THR B 296 -15.30 -30.43 -20.82
N GLU B 297 -14.74 -29.30 -20.45
CA GLU B 297 -13.93 -28.51 -21.35
C GLU B 297 -14.65 -27.96 -22.60
N LYS B 298 -15.95 -27.85 -22.52
CA LYS B 298 -16.75 -27.17 -23.55
C LYS B 298 -16.85 -25.66 -23.19
N VAL B 299 -17.03 -24.83 -24.20
CA VAL B 299 -17.18 -23.39 -24.00
C VAL B 299 -18.67 -23.18 -23.84
N LEU B 300 -19.06 -22.54 -22.74
CA LEU B 300 -20.41 -22.15 -22.46
C LEU B 300 -20.61 -20.64 -22.45
N TYR B 301 -21.83 -20.23 -22.77
CA TYR B 301 -22.28 -18.86 -22.76
C TYR B 301 -23.53 -18.82 -21.91
N TYR B 302 -23.46 -18.10 -20.79
CA TYR B 302 -24.62 -17.92 -19.91
C TYR B 302 -25.11 -16.52 -20.09
N TYR B 303 -26.39 -16.37 -20.40
CA TYR B 303 -26.96 -15.06 -20.68
C TYR B 303 -28.10 -14.88 -19.70
N TYR B 304 -28.12 -13.71 -19.05
CA TYR B 304 -29.18 -13.34 -18.11
C TYR B 304 -29.84 -12.05 -18.60
N GLY B 305 -31.13 -12.12 -18.89
CA GLY B 305 -31.85 -10.96 -19.38
C GLY B 305 -33.34 -11.02 -19.16
N ASN B 306 -34.09 -10.33 -20.01
CA ASN B 306 -35.54 -10.29 -19.93
C ASN B 306 -36.28 -9.77 -21.17
N GLU B 307 -35.76 -8.74 -21.84
CA GLU B 307 -34.51 -8.08 -21.49
C GLU B 307 -34.53 -6.62 -21.92
N SER B 308 -34.04 -6.36 -23.13
CA SER B 308 -33.97 -4.99 -23.64
C SER B 308 -35.36 -4.38 -23.71
N ASN B 309 -35.42 -3.15 -24.20
CA ASN B 309 -36.67 -2.41 -24.25
C ASN B 309 -37.38 -2.40 -22.90
N GLU B 310 -37.87 -3.56 -22.48
CA GLU B 310 -38.62 -3.63 -21.23
C GLU B 310 -37.79 -3.21 -20.01
N SER B 311 -37.28 -4.19 -19.28
CA SER B 311 -36.64 -3.93 -18.00
C SER B 311 -35.12 -3.76 -18.06
N TYR B 312 -34.53 -3.57 -16.90
CA TYR B 312 -33.09 -3.41 -16.76
C TYR B 312 -32.65 -3.92 -15.40
N ILE B 313 -31.36 -4.17 -15.25
CA ILE B 313 -30.81 -4.62 -13.98
C ILE B 313 -29.83 -3.60 -13.42
N ILE B 314 -29.82 -3.43 -12.10
CA ILE B 314 -28.85 -2.50 -11.48
C ILE B 314 -27.60 -3.26 -11.06
N LEU B 315 -26.47 -3.00 -11.75
CA LEU B 315 -25.21 -3.65 -11.47
C LEU B 315 -24.45 -2.97 -10.37
N ASN B 316 -24.52 -1.66 -10.27
CA ASN B 316 -23.77 -0.98 -9.23
C ASN B 316 -24.39 0.38 -9.07
N LYS B 317 -24.06 1.06 -7.97
CA LYS B 317 -24.54 2.41 -7.74
C LYS B 317 -23.40 3.26 -7.20
N TRP B 318 -23.43 4.57 -7.49
CA TRP B 318 -22.41 5.49 -7.04
C TRP B 318 -22.28 5.47 -5.52
N ASP B 319 -23.43 5.62 -4.86
CA ASP B 319 -23.54 5.60 -3.39
C ASP B 319 -24.36 4.41 -2.87
N GLN B 320 -23.72 3.55 -2.08
CA GLN B 320 -24.44 2.41 -1.51
C GLN B 320 -24.83 2.75 -0.08
N LEU B 334 -40.35 1.07 -11.78
CA LEU B 334 -41.20 -0.12 -11.96
C LEU B 334 -40.50 -1.24 -12.74
N ALA B 335 -39.63 -0.88 -13.67
CA ALA B 335 -38.98 -1.86 -14.56
C ALA B 335 -37.62 -2.38 -14.06
N SER B 336 -37.26 -2.05 -12.82
CA SER B 336 -35.99 -2.43 -12.26
C SER B 336 -36.15 -3.85 -11.70
N LEU B 337 -35.26 -4.75 -12.11
CA LEU B 337 -35.41 -6.17 -11.83
C LEU B 337 -34.52 -6.61 -10.71
N THR B 338 -34.94 -7.67 -10.01
CA THR B 338 -34.11 -8.37 -9.04
C THR B 338 -33.31 -9.44 -9.79
N PHE B 339 -32.20 -9.84 -9.20
CA PHE B 339 -31.38 -10.91 -9.72
C PHE B 339 -32.16 -12.20 -9.92
N ASP B 340 -33.06 -12.48 -8.98
CA ASP B 340 -33.86 -13.69 -9.03
C ASP B 340 -34.73 -13.73 -10.24
N GLU B 341 -35.23 -12.59 -10.70
CA GLU B 341 -36.19 -12.58 -11.83
C GLU B 341 -35.60 -12.41 -13.26
N LEU B 342 -34.33 -12.76 -13.42
CA LEU B 342 -33.69 -12.75 -14.74
C LEU B 342 -33.93 -14.07 -15.45
N GLN B 343 -34.12 -14.02 -16.76
CA GLN B 343 -34.15 -15.26 -17.54
C GLN B 343 -32.73 -15.74 -17.88
N GLU B 344 -32.39 -16.94 -17.42
CA GLU B 344 -31.08 -17.55 -17.71
C GLU B 344 -31.10 -18.43 -18.98
N ASN B 345 -30.29 -18.08 -19.99
CA ASN B 345 -30.16 -18.91 -21.20
C ASN B 345 -28.75 -19.47 -21.29
N ILE B 346 -28.60 -20.77 -21.53
CA ILE B 346 -27.26 -21.35 -21.62
C ILE B 346 -27.01 -21.88 -23.05
N HIS B 347 -25.91 -21.51 -23.69
CA HIS B 347 -25.54 -22.09 -24.97
C HIS B 347 -24.16 -22.73 -24.85
N GLU B 348 -24.11 -24.01 -25.19
CA GLU B 348 -22.87 -24.78 -25.24
C GLU B 348 -22.39 -24.91 -26.68
N VAL B 349 -21.11 -24.69 -26.91
CA VAL B 349 -20.49 -24.84 -28.19
C VAL B 349 -19.67 -26.15 -28.32
N GLU B 350 -19.80 -26.82 -29.45
CA GLU B 350 -18.91 -27.97 -29.80
C GLU B 350 -17.45 -27.53 -29.87
N ASP B 351 -16.56 -28.45 -29.54
CA ASP B 351 -15.14 -28.19 -29.64
C ASP B 351 -14.69 -27.79 -31.07
N ALA B 352 -15.38 -28.31 -32.08
CA ALA B 352 -15.07 -27.95 -33.49
C ALA B 352 -15.07 -26.43 -33.73
N SER B 353 -15.94 -25.66 -33.07
CA SER B 353 -15.94 -24.25 -33.33
C SER B 353 -15.03 -23.43 -32.41
N GLU B 354 -14.23 -22.56 -33.02
CA GLU B 354 -13.66 -21.40 -32.37
C GLU B 354 -14.83 -20.42 -32.31
N SER B 355 -15.14 -19.89 -31.11
CA SER B 355 -16.28 -19.01 -30.90
C SER B 355 -15.82 -17.83 -30.02
N VAL B 356 -16.56 -16.72 -30.08
CA VAL B 356 -16.19 -15.46 -29.45
C VAL B 356 -17.48 -14.63 -29.38
N MET B 357 -17.80 -14.06 -28.22
CA MET B 357 -18.96 -13.15 -28.17
C MET B 357 -18.62 -11.69 -28.42
N SER B 358 -19.62 -10.94 -28.80
CA SER B 358 -19.40 -9.53 -29.06
C SER B 358 -19.16 -8.84 -27.69
N SER B 359 -18.72 -7.61 -27.74
CA SER B 359 -18.26 -6.99 -26.51
C SER B 359 -19.38 -6.75 -25.54
N ASP B 360 -20.65 -6.78 -25.98
CA ASP B 360 -21.76 -6.56 -25.06
C ASP B 360 -22.48 -7.83 -24.67
N GLY B 361 -21.95 -8.96 -25.16
CA GLY B 361 -22.48 -10.27 -24.86
C GLY B 361 -23.77 -10.67 -25.59
N LEU B 362 -24.24 -9.86 -26.53
CA LEU B 362 -25.54 -10.20 -27.17
C LEU B 362 -25.38 -11.23 -28.30
N TYR B 363 -24.20 -11.33 -28.88
CA TYR B 363 -24.00 -12.18 -30.05
C TYR B 363 -22.78 -13.08 -29.83
N ILE B 364 -22.92 -14.34 -30.19
CA ILE B 364 -21.80 -15.28 -30.30
C ILE B 364 -21.57 -15.55 -31.81
N PHE B 365 -20.33 -15.53 -32.24
CA PHE B 365 -19.93 -15.89 -33.61
C PHE B 365 -18.94 -17.03 -33.48
N GLY B 366 -18.95 -17.92 -34.47
CA GLY B 366 -17.88 -18.90 -34.60
C GLY B 366 -17.64 -19.47 -35.96
N MET B 367 -16.57 -20.24 -36.04
CA MET B 367 -16.11 -20.85 -37.29
C MET B 367 -15.62 -22.25 -36.96
N ARG B 368 -15.99 -23.20 -37.80
CA ARG B 368 -15.51 -24.59 -37.77
C ARG B 368 -15.30 -25.14 -39.20
N ARG B 369 -14.25 -25.98 -39.37
CA ARG B 369 -14.05 -26.70 -40.66
C ARG B 369 -15.20 -27.64 -40.83
N LYS B 370 -15.77 -27.69 -42.03
CA LYS B 370 -16.70 -28.75 -42.35
C LYS B 370 -15.85 -29.86 -43.00
N SER B 371 -15.34 -29.62 -44.22
CA SER B 371 -14.49 -30.58 -44.98
C SER B 371 -13.67 -29.79 -45.99
N ILE B 375 -22.62 -34.38 -48.65
CA ILE B 375 -21.60 -33.90 -49.56
C ILE B 375 -21.76 -32.43 -49.86
N SER B 376 -22.98 -31.92 -49.92
CA SER B 376 -23.17 -30.52 -50.22
C SER B 376 -22.46 -29.67 -49.20
N PRO B 377 -21.57 -28.75 -49.77
CA PRO B 377 -20.95 -27.86 -48.81
C PRO B 377 -21.88 -26.93 -48.02
N THR B 378 -23.11 -26.67 -48.43
CA THR B 378 -24.03 -25.84 -47.65
C THR B 378 -25.01 -26.61 -46.80
N ALA B 379 -24.83 -27.92 -46.75
CA ALA B 379 -25.72 -28.79 -46.04
C ALA B 379 -25.58 -28.57 -44.56
N ASP B 380 -26.69 -28.57 -43.85
CA ASP B 380 -26.73 -28.35 -42.42
C ASP B 380 -26.41 -29.65 -41.73
N GLU B 381 -25.13 -29.87 -41.48
CA GLU B 381 -24.62 -31.10 -40.94
C GLU B 381 -24.39 -31.01 -39.44
N GLU B 406 -6.62 -26.97 -52.63
CA GLU B 406 -7.24 -28.29 -52.63
C GLU B 406 -8.72 -28.23 -52.26
N THR B 407 -9.19 -27.04 -51.91
CA THR B 407 -10.60 -26.78 -51.52
C THR B 407 -10.92 -27.13 -50.06
N GLN B 408 -11.42 -26.15 -49.31
CA GLN B 408 -11.95 -26.42 -47.94
C GLN B 408 -13.32 -25.88 -47.81
N VAL B 409 -14.12 -26.46 -46.94
CA VAL B 409 -15.38 -25.86 -46.59
C VAL B 409 -15.36 -25.49 -45.09
N TRP B 410 -15.71 -24.24 -44.78
CA TRP B 410 -15.91 -23.77 -43.39
C TRP B 410 -17.37 -23.33 -43.15
N GLU B 411 -17.86 -23.50 -41.93
CA GLU B 411 -19.09 -22.89 -41.50
C GLU B 411 -18.72 -21.64 -40.65
N VAL B 412 -19.41 -20.54 -40.88
CA VAL B 412 -19.34 -19.35 -40.02
C VAL B 412 -20.73 -19.16 -39.52
N TRP B 413 -20.89 -19.05 -38.21
CA TRP B 413 -22.17 -19.02 -37.62
C TRP B 413 -22.32 -17.89 -36.62
N MET B 414 -23.56 -17.56 -36.30
CA MET B 414 -23.85 -16.55 -35.30
C MET B 414 -25.01 -17.04 -34.51
N TYR B 415 -25.09 -16.61 -33.27
CA TYR B 415 -26.16 -16.92 -32.37
C TYR B 415 -26.49 -15.66 -31.60
N SER B 416 -27.79 -15.36 -31.62
CA SER B 416 -28.32 -14.21 -30.91
C SER B 416 -28.77 -14.76 -29.57
N GLN B 417 -28.10 -14.32 -28.50
CA GLN B 417 -28.40 -14.81 -27.15
C GLN B 417 -29.76 -14.46 -26.65
N SER B 418 -30.31 -13.34 -27.11
CA SER B 418 -31.59 -12.81 -26.64
C SER B 418 -32.80 -13.33 -27.45
N GLU B 419 -32.54 -14.14 -28.48
CA GLU B 419 -33.62 -14.80 -29.22
C GLU B 419 -33.47 -16.31 -29.26
N LYS B 420 -32.27 -16.78 -28.93
CA LYS B 420 -31.90 -18.16 -29.15
C LYS B 420 -31.98 -18.44 -30.67
N LYS B 421 -31.51 -17.46 -31.47
CA LYS B 421 -31.59 -17.50 -32.93
C LYS B 421 -30.20 -17.67 -33.59
N HIS B 422 -30.09 -18.74 -34.37
CA HIS B 422 -28.86 -19.13 -34.99
C HIS B 422 -28.92 -18.73 -36.51
N ARG B 423 -27.80 -18.24 -37.07
CA ARG B 423 -27.70 -18.08 -38.53
C ARG B 423 -26.37 -18.69 -38.98
N SER B 424 -26.34 -19.20 -40.21
CA SER B 424 -25.09 -19.70 -40.68
C SER B 424 -24.82 -19.62 -42.18
N LYS B 425 -23.55 -19.52 -42.48
CA LYS B 425 -23.05 -19.44 -43.81
C LYS B 425 -22.04 -20.51 -43.97
N SER B 426 -21.90 -20.97 -45.20
CA SER B 426 -20.85 -21.85 -45.52
C SER B 426 -19.90 -21.13 -46.44
N LEU B 427 -18.62 -21.34 -46.24
CA LEU B 427 -17.61 -20.73 -47.08
C LEU B 427 -16.82 -21.79 -47.77
N LYS B 428 -16.62 -21.64 -49.07
CA LYS B 428 -15.90 -22.67 -49.81
C LYS B 428 -14.62 -22.03 -50.29
N MET B 429 -13.50 -22.57 -49.84
CA MET B 429 -12.18 -22.00 -50.10
C MET B 429 -11.57 -22.66 -51.29
N TYR B 430 -11.14 -21.83 -52.27
CA TYR B 430 -10.53 -22.29 -53.52
C TYR B 430 -9.08 -21.81 -53.60
N ASN B 431 -8.88 -20.62 -54.17
CA ASN B 431 -7.53 -20.08 -54.38
C ASN B 431 -6.84 -19.60 -53.10
N SER B 432 -7.59 -19.35 -52.03
CA SER B 432 -6.97 -18.96 -50.78
C SER B 432 -7.49 -19.82 -49.64
N LEU B 433 -6.65 -20.79 -49.24
CA LEU B 433 -6.94 -21.85 -48.27
C LEU B 433 -6.44 -21.48 -46.88
N ILE B 434 -7.20 -21.81 -45.84
CA ILE B 434 -6.79 -21.55 -44.44
C ILE B 434 -5.87 -22.66 -43.94
N ILE B 435 -4.67 -22.27 -43.56
CA ILE B 435 -3.60 -23.24 -43.28
C ILE B 435 -3.41 -23.57 -41.77
N ALA B 436 -4.48 -23.56 -40.98
CA ALA B 436 -4.45 -23.78 -39.53
C ALA B 436 -5.85 -23.66 -38.90
N ASP B 437 -6.01 -24.15 -37.67
CA ASP B 437 -7.28 -24.00 -36.96
C ASP B 437 -7.52 -22.51 -36.59
N PRO B 438 -8.79 -22.07 -36.66
CA PRO B 438 -9.16 -20.65 -36.46
C PRO B 438 -8.85 -20.29 -35.04
N GLY B 439 -8.57 -19.04 -34.74
CA GLY B 439 -8.19 -18.75 -33.35
C GLY B 439 -6.83 -18.13 -33.42
N PRO B 440 -6.53 -17.22 -32.49
CA PRO B 440 -7.41 -16.75 -31.43
C PRO B 440 -8.44 -15.78 -32.00
N SER B 441 -9.28 -15.26 -31.14
CA SER B 441 -10.27 -14.32 -31.53
C SER B 441 -10.56 -13.27 -30.48
N LEU B 442 -11.13 -12.16 -30.90
CA LEU B 442 -11.28 -10.98 -30.02
C LEU B 442 -12.54 -10.19 -30.43
N ALA B 443 -13.33 -9.73 -29.45
CA ALA B 443 -14.42 -8.79 -29.75
C ALA B 443 -13.87 -7.49 -30.26
N VAL B 444 -14.51 -6.90 -31.24
CA VAL B 444 -14.08 -5.62 -31.75
C VAL B 444 -15.14 -4.54 -31.58
N SER B 445 -16.39 -4.89 -31.31
CA SER B 445 -17.46 -3.94 -31.01
C SER B 445 -18.60 -4.74 -30.43
N ASP B 446 -19.67 -4.07 -30.04
CA ASP B 446 -20.94 -4.74 -29.66
C ASP B 446 -21.57 -5.58 -30.80
N ARG B 447 -21.05 -5.48 -32.01
CA ARG B 447 -21.67 -6.24 -33.11
C ARG B 447 -20.71 -6.97 -34.02
N CYS B 448 -19.46 -7.04 -33.62
CA CYS B 448 -18.41 -7.47 -34.48
C CYS B 448 -17.25 -8.08 -33.69
N VAL B 449 -16.62 -9.05 -34.36
CA VAL B 449 -15.61 -9.85 -33.77
C VAL B 449 -14.56 -10.09 -34.82
N ALA B 450 -13.36 -10.36 -34.36
CA ALA B 450 -12.28 -10.70 -35.22
C ALA B 450 -11.80 -12.12 -34.92
N ILE B 451 -11.62 -12.89 -35.99
CA ILE B 451 -11.17 -14.32 -35.94
C ILE B 451 -9.99 -14.57 -36.98
N VAL B 452 -8.89 -15.01 -36.35
CA VAL B 452 -7.60 -15.20 -36.99
C VAL B 452 -7.73 -16.51 -37.71
N LEU B 453 -7.38 -16.48 -38.98
CA LEU B 453 -7.51 -17.64 -39.82
C LEU B 453 -6.13 -17.87 -40.41
N GLY B 454 -5.25 -18.46 -39.63
CA GLY B 454 -3.87 -18.62 -40.04
C GLY B 454 -3.14 -17.30 -40.12
N ASN B 455 -2.95 -16.82 -41.33
CA ASN B 455 -2.10 -15.68 -41.52
C ASN B 455 -2.82 -14.36 -41.77
N TYR B 456 -4.16 -14.38 -41.71
CA TYR B 456 -4.98 -13.19 -41.91
C TYR B 456 -6.11 -13.24 -40.90
N VAL B 457 -6.75 -12.09 -40.69
CA VAL B 457 -7.91 -11.95 -39.85
C VAL B 457 -9.18 -11.65 -40.63
N ALA B 458 -10.24 -12.35 -40.24
CA ALA B 458 -11.57 -12.17 -40.70
C ALA B 458 -12.38 -11.45 -39.64
N LEU B 459 -13.08 -10.42 -40.07
CA LEU B 459 -14.02 -9.73 -39.22
C LEU B 459 -15.39 -10.32 -39.49
N VAL B 460 -16.16 -10.56 -38.44
CA VAL B 460 -17.45 -11.20 -38.53
C VAL B 460 -18.41 -10.43 -37.67
N GLY B 461 -19.51 -9.98 -38.27
CA GLY B 461 -20.44 -9.11 -37.57
C GLY B 461 -21.89 -9.26 -37.95
N TYR B 462 -22.76 -8.68 -37.12
CA TYR B 462 -24.19 -8.66 -37.43
C TYR B 462 -24.74 -7.25 -37.37
N GLY B 463 -25.04 -6.68 -38.54
CA GLY B 463 -25.51 -5.28 -38.59
C GLY B 463 -24.47 -4.29 -38.07
N SER B 464 -23.21 -4.53 -38.40
CA SER B 464 -22.11 -3.69 -37.88
C SER B 464 -21.75 -2.60 -38.86
N GLU B 465 -21.49 -1.41 -38.34
CA GLU B 465 -21.13 -0.25 -39.18
C GLU B 465 -19.68 -0.25 -39.65
N ILE B 466 -18.90 -1.20 -39.14
CA ILE B 466 -17.54 -1.41 -39.63
C ILE B 466 -17.55 -1.79 -41.13
N PHE B 467 -18.64 -2.38 -41.61
CA PHE B 467 -18.77 -2.92 -42.98
C PHE B 467 -19.34 -1.94 -44.03
C1 CIT C . 11.27 14.51 8.51
O1 CIT C . 12.11 13.68 9.03
O2 CIT C . 11.47 15.18 7.47
C2 CIT C . 9.88 14.68 9.13
C3 CIT C . 9.40 16.14 9.17
O7 CIT C . 9.40 16.67 7.85
C4 CIT C . 8.02 16.15 9.77
C5 CIT C . 7.37 17.50 9.82
O3 CIT C . 6.14 17.51 9.97
O4 CIT C . 8.01 18.54 9.69
C6 CIT C . 10.31 16.94 10.09
O5 CIT C . 10.33 16.66 11.32
O6 CIT C . 11.03 17.85 9.61
C1 CIT D . -11.61 19.09 36.28
O1 CIT D . -12.52 19.42 37.02
O2 CIT D . -11.75 18.21 35.36
C2 CIT D . -10.26 19.75 36.54
C3 CIT D . -9.26 18.65 36.19
O7 CIT D . -9.51 18.45 34.82
C4 CIT D . -7.81 19.05 36.35
C5 CIT D . -6.99 17.98 35.69
O3 CIT D . -5.94 17.63 36.26
O4 CIT D . -7.36 17.50 34.61
C6 CIT D . -9.53 17.42 37.03
O5 CIT D . -9.25 17.49 38.24
O6 CIT D . -10.06 16.42 36.56
#